data_6YKO
#
_entry.id   6YKO
#
_cell.length_a   49.536
_cell.length_b   81.058
_cell.length_c   225.181
_cell.angle_alpha   90.000
_cell.angle_beta   90.000
_cell.angle_gamma   90.000
#
_symmetry.space_group_name_H-M   'P 21 21 21'
#
loop_
_entity.id
_entity.type
_entity.pdbx_description
1 polymer 'Leucine--tRNA ligase'
2 non-polymer '[(2~{R},3~{S},4~{S},5~{R})-3,4-bis(oxidanyl)-5-[3-[4-(4-pentylphenyl)-1,2,3-triazol-1-yl]propyl]oxan-2-yl]methyl ~{N}-[(2~{S})-2-azanyl-4-methyl-pentanoyl]sulfamate'
3 non-polymer 1,2-ETHANEDIOL
4 non-polymer 'ZINC ION'
5 non-polymer 'MAGNESIUM ION'
6 water water
#
_entity_poly.entity_id   1
_entity_poly.type   'polypeptide(L)'
_entity_poly.pdbx_seq_one_letter_code
;GMQEHYQPAAIEPAAQKKWDDARISNVSEDASKPKYYCLSMFPYPSGKLHMGHVRNYTIGDVLSRFKLLNGFNVMQPMGW
DAFGMPAENAAMKNNVAPAAWTYDNIEYMKTQLKSLGFAVDWEREVATCKPEYYRWEQWLFTKLFEKGIVYRKNGTVNWD
PVDQTVLANEQVIDGRGWRSGALIEKREIPMYYFKITDYAEELLNDLDKLEHWPEQVKTMQRNWIGKSRGMTVRFAVSDD
SKQGLEGDYAKFLQVYTTRPDTLMGATYVAVAAEHPLATAAAADKPELQAFIAECKAGSVAEADMATMEKKGVPTGRYVV
NPLNGDKLEVWIANYVLWGYGDGAVMAVPAHDERDFEFAAKYNLPKKQVIAVGDNAFDANRWQEWYGDKENGVLVNSGDL
DGLDFQTAFDAVAAKLQSQGAGEPKTQYRLRDWGISRQRYWGCPIPIVHCEKCGNVPVPADQLPVVLPENVVPDGMGSPL
AKMPEFYETSCPCCGGAAKRETDTMDTFIESSWYFFRYMSPKFSDGMVSAESAKYWGAVDQYIGGIEHAILHLLYARFFT
KLMRDEGLVNVDEPFERLLTQGMVVCETYYRENDKGGKDWINPADVELTFDDKGRPVSAVLKADGLPVVISGTEKMSKSK
NNGVDPQELINAYGADTARLFMMFAAPPEQSLEWSDSGVEGAHRFLRRLWRTVYEYLKQGGAVKAFAGNQDGLSKELKDL
RHKLHSTTAKVSDDYGRRQQFNTAIAAVMELLNQYDKTDTGSEQGRAVAQEVLEAAVRLLWPIVPHICETLWSELNGAKL
WEAGWPTVDEAALVKSEIEVMVQVNGKLRGKITVAADASKADLEAAALANEGAVKFMEGKPAKKIIVVPGRLVNIVV
;
_entity_poly.pdbx_strand_id   A
#
loop_
_chem_comp.id
_chem_comp.type
_chem_comp.name
_chem_comp.formula
EDO non-polymer 1,2-ETHANEDIOL 'C2 H6 O2'
MG non-polymer 'MAGNESIUM ION' 'Mg 2'
OW5 non-polymer '[(2~{R},3~{S},4~{S},5~{R})-3,4-bis(oxidanyl)-5-[3-[4-(4-pentylphenyl)-1,2,3-triazol-1-yl]propyl]oxan-2-yl]methyl ~{N}-[(2~{S})-2-azanyl-4-methyl-pentanoyl]sulfamate' 'C28 H45 N5 O7 S'
ZN non-polymer 'ZINC ION' 'Zn 2'
#
# COMPACT_ATOMS: atom_id res chain seq x y z
N MET A 2 27.50 -26.37 -25.09
CA MET A 2 26.67 -26.04 -23.92
C MET A 2 27.12 -26.88 -22.72
N GLN A 3 27.42 -26.20 -21.63
CA GLN A 3 27.77 -26.87 -20.38
C GLN A 3 26.66 -27.83 -19.96
N GLU A 4 27.04 -28.99 -19.44
CA GLU A 4 26.04 -30.00 -19.11
C GLU A 4 25.21 -29.60 -17.90
N HIS A 5 25.83 -28.98 -16.89
CA HIS A 5 25.16 -28.72 -15.62
C HIS A 5 24.88 -27.23 -15.44
N TYR A 6 23.72 -26.94 -14.88
CA TYR A 6 23.30 -25.56 -14.63
C TYR A 6 24.17 -24.96 -13.53
N GLN A 7 24.79 -23.82 -13.83
CA GLN A 7 25.71 -23.16 -12.90
C GLN A 7 25.42 -21.67 -12.95
N PRO A 8 24.59 -21.16 -12.03
CA PRO A 8 24.13 -19.77 -12.16
C PRO A 8 25.22 -18.73 -12.00
N ALA A 9 26.27 -19.02 -11.22
CA ALA A 9 27.29 -17.99 -11.02
C ALA A 9 28.10 -17.74 -12.27
N ALA A 10 28.10 -18.68 -13.23
CA ALA A 10 28.72 -18.41 -14.52
C ALA A 10 27.79 -17.61 -15.42
N ILE A 11 26.53 -18.06 -15.55
CA ILE A 11 25.68 -17.52 -16.60
C ILE A 11 25.07 -16.18 -16.23
N GLU A 12 24.88 -15.91 -14.94
CA GLU A 12 24.11 -14.73 -14.54
C GLU A 12 24.87 -13.43 -14.76
N PRO A 13 26.17 -13.33 -14.43
CA PRO A 13 26.89 -12.10 -14.77
C PRO A 13 27.02 -11.86 -16.27
N ALA A 14 27.25 -12.91 -17.07
CA ALA A 14 27.32 -12.73 -18.52
C ALA A 14 26.01 -12.17 -19.07
N ALA A 15 24.88 -12.69 -18.59
CA ALA A 15 23.59 -12.21 -19.06
C ALA A 15 23.37 -10.76 -18.66
N GLN A 16 23.67 -10.43 -17.41
CA GLN A 16 23.56 -9.04 -16.98
C GLN A 16 24.39 -8.12 -17.88
N LYS A 17 25.64 -8.50 -18.17
CA LYS A 17 26.45 -7.72 -19.09
C LYS A 17 25.78 -7.62 -20.46
N LYS A 18 25.17 -8.72 -20.91
CA LYS A 18 24.51 -8.71 -22.21
C LYS A 18 23.36 -7.72 -22.22
N TRP A 19 22.54 -7.70 -21.16
CA TRP A 19 21.45 -6.73 -21.14
C TRP A 19 21.99 -5.31 -21.05
N ASP A 20 23.04 -5.11 -20.26
CA ASP A 20 23.55 -3.76 -20.04
C ASP A 20 24.21 -3.22 -21.30
N ASP A 21 25.01 -4.05 -21.99
CA ASP A 21 25.61 -3.64 -23.26
C ASP A 21 24.55 -3.23 -24.27
N ALA A 22 23.42 -3.93 -24.28
CA ALA A 22 22.37 -3.60 -25.23
C ALA A 22 21.46 -2.47 -24.75
N ARG A 23 21.62 -2.03 -23.50
CA ARG A 23 20.90 -0.87 -22.94
C ARG A 23 19.39 -1.03 -23.03
N ILE A 24 18.88 -2.26 -22.87
CA ILE A 24 17.46 -2.49 -23.09
C ILE A 24 16.61 -1.74 -22.05
N SER A 25 17.18 -1.45 -20.88
CA SER A 25 16.45 -0.77 -19.83
C SER A 25 16.74 0.72 -19.75
N ASN A 26 17.70 1.24 -20.52
CA ASN A 26 18.03 2.67 -20.51
C ASN A 26 17.15 3.34 -21.55
N VAL A 27 16.01 3.88 -21.10
CA VAL A 27 14.97 4.30 -22.02
C VAL A 27 14.91 5.82 -22.08
N SER A 28 14.46 6.31 -23.22
CA SER A 28 14.24 7.72 -23.50
C SER A 28 12.77 7.96 -23.85
N GLU A 29 12.45 9.22 -24.17
CA GLU A 29 11.08 9.60 -24.53
C GLU A 29 10.84 9.33 -26.01
N ASP A 30 10.84 8.04 -26.35
CA ASP A 30 10.73 7.58 -27.73
C ASP A 30 9.27 7.59 -28.16
N ALA A 31 8.92 8.53 -29.05
CA ALA A 31 7.54 8.63 -29.52
C ALA A 31 7.12 7.49 -30.44
N SER A 32 8.05 6.62 -30.86
CA SER A 32 7.73 5.57 -31.81
C SER A 32 7.33 4.25 -31.16
N LYS A 33 7.65 4.05 -29.88
CA LYS A 33 7.19 2.86 -29.19
C LYS A 33 6.25 3.25 -28.05
N PRO A 34 5.17 2.49 -27.84
CA PRO A 34 4.21 2.87 -26.79
C PRO A 34 4.83 2.72 -25.41
N LYS A 35 4.65 3.75 -24.59
CA LYS A 35 5.28 3.80 -23.29
C LYS A 35 4.56 2.87 -22.31
N TYR A 36 5.34 2.34 -21.36
CA TYR A 36 4.79 1.66 -20.21
C TYR A 36 5.67 1.97 -19.01
N TYR A 37 5.05 2.49 -17.96
CA TYR A 37 5.73 2.93 -16.75
C TYR A 37 5.33 1.97 -15.63
N CYS A 38 6.24 1.06 -15.29
CA CYS A 38 6.04 0.07 -14.24
C CYS A 38 6.95 0.42 -13.07
N LEU A 39 6.35 0.67 -11.91
CA LEU A 39 7.06 1.26 -10.77
C LEU A 39 6.85 0.43 -9.52
N SER A 40 7.95 0.04 -8.87
CA SER A 40 7.88 -0.53 -7.53
C SER A 40 8.26 0.55 -6.52
N MET A 41 7.59 0.54 -5.36
CA MET A 41 7.90 1.50 -4.30
C MET A 41 9.36 1.43 -3.92
N PHE A 42 10.06 2.57 -4.02
CA PHE A 42 11.50 2.60 -3.79
C PHE A 42 11.83 2.44 -2.31
N PRO A 43 12.97 1.83 -1.99
CA PRO A 43 13.23 1.43 -0.60
C PRO A 43 13.93 2.50 0.21
N TYR A 44 13.81 2.35 1.53
CA TYR A 44 14.72 3.04 2.43
C TYR A 44 16.10 2.43 2.29
N PRO A 45 17.17 3.23 2.13
CA PRO A 45 18.53 2.65 2.06
C PRO A 45 19.08 2.34 3.44
N SER A 46 18.59 1.27 4.03
CA SER A 46 18.86 1.00 5.45
C SER A 46 20.00 0.01 5.68
N GLY A 47 20.71 -0.40 4.62
CA GLY A 47 21.87 -1.25 4.81
C GLY A 47 21.93 -2.39 3.82
N LYS A 48 20.93 -3.26 3.83
CA LYS A 48 20.89 -4.43 2.98
C LYS A 48 19.46 -4.70 2.51
N LEU A 49 19.32 -5.40 1.39
CA LEU A 49 18.02 -5.88 0.98
C LEU A 49 17.50 -6.91 1.99
N HIS A 50 16.18 -6.93 2.16
CA HIS A 50 15.52 -8.00 2.88
C HIS A 50 14.54 -8.69 1.93
N MET A 51 13.90 -9.75 2.43
CA MET A 51 13.12 -10.62 1.54
C MET A 51 11.90 -9.89 0.98
N GLY A 52 11.33 -8.94 1.73
CA GLY A 52 10.26 -8.13 1.18
C GLY A 52 10.71 -7.37 -0.06
N HIS A 53 11.92 -6.78 0.00
CA HIS A 53 12.46 -6.08 -1.15
C HIS A 53 12.53 -7.00 -2.37
N VAL A 54 13.15 -8.18 -2.20
CA VAL A 54 13.33 -9.09 -3.33
C VAL A 54 11.98 -9.48 -3.91
N ARG A 55 10.99 -9.75 -3.05
CA ARG A 55 9.66 -10.08 -3.54
C ARG A 55 9.06 -8.94 -4.34
N ASN A 56 9.15 -7.72 -3.81
CA ASN A 56 8.51 -6.59 -4.48
C ASN A 56 9.16 -6.33 -5.84
N TYR A 57 10.48 -6.24 -5.87
CA TYR A 57 11.13 -5.87 -7.12
C TYR A 57 11.13 -7.02 -8.13
N THR A 58 11.02 -8.27 -7.68
CA THR A 58 10.78 -9.35 -8.64
C THR A 58 9.42 -9.21 -9.29
N ILE A 59 8.37 -8.95 -8.50
CA ILE A 59 7.04 -8.71 -9.07
C ILE A 59 7.09 -7.58 -10.09
N GLY A 60 7.76 -6.48 -9.73
CA GLY A 60 7.89 -5.38 -10.66
C GLY A 60 8.57 -5.80 -11.96
N ASP A 61 9.62 -6.62 -11.85
CA ASP A 61 10.44 -6.96 -13.00
C ASP A 61 9.75 -7.96 -13.91
N VAL A 62 9.00 -8.90 -13.33
CA VAL A 62 8.16 -9.79 -14.12
C VAL A 62 7.28 -8.97 -15.05
N LEU A 63 6.53 -8.02 -14.47
CA LEU A 63 5.61 -7.21 -15.25
C LEU A 63 6.34 -6.35 -16.28
N SER A 64 7.48 -5.76 -15.90
CA SER A 64 8.30 -4.97 -16.82
C SER A 64 8.76 -5.80 -18.01
N ARG A 65 9.31 -6.99 -17.75
CA ARG A 65 9.87 -7.81 -18.82
C ARG A 65 8.76 -8.35 -19.72
N PHE A 66 7.61 -8.69 -19.13
CA PHE A 66 6.45 -9.07 -19.91
C PHE A 66 6.08 -7.97 -20.92
N LYS A 67 6.04 -6.72 -20.47
CA LYS A 67 5.69 -5.62 -21.39
C LYS A 67 6.82 -5.34 -22.37
N LEU A 68 8.06 -5.40 -21.92
CA LEU A 68 9.21 -5.33 -22.82
C LEU A 68 9.06 -6.33 -23.97
N LEU A 69 8.79 -7.60 -23.66
CA LEU A 69 8.66 -8.63 -24.69
C LEU A 69 7.45 -8.41 -25.56
N ASN A 70 6.46 -7.67 -25.08
CA ASN A 70 5.33 -7.29 -25.90
C ASN A 70 5.56 -5.97 -26.63
N GLY A 71 6.79 -5.45 -26.61
CA GLY A 71 7.15 -4.31 -27.45
C GLY A 71 6.87 -2.94 -26.89
N PHE A 72 6.60 -2.80 -25.60
CA PHE A 72 6.40 -1.47 -25.02
C PHE A 72 7.75 -0.81 -24.77
N ASN A 73 7.75 0.52 -24.70
CA ASN A 73 8.91 1.28 -24.24
C ASN A 73 8.80 1.40 -22.72
N VAL A 74 9.50 0.52 -22.00
CA VAL A 74 9.23 0.27 -20.59
C VAL A 74 10.19 1.08 -19.73
N MET A 75 9.66 1.90 -18.83
CA MET A 75 10.46 2.55 -17.81
C MET A 75 10.22 1.85 -16.48
N GLN A 76 11.29 1.27 -15.90
CA GLN A 76 11.25 0.72 -14.55
C GLN A 76 12.41 1.37 -13.79
N PRO A 77 12.14 2.49 -13.13
CA PRO A 77 13.20 3.22 -12.41
C PRO A 77 13.29 2.81 -10.94
N MET A 78 14.47 3.04 -10.37
CA MET A 78 14.69 2.77 -8.96
C MET A 78 15.43 3.94 -8.31
N GLY A 79 15.30 4.03 -7.00
CA GLY A 79 15.93 5.10 -6.27
C GLY A 79 15.82 4.86 -4.79
N TRP A 80 16.14 5.89 -4.02
CA TRP A 80 16.36 5.72 -2.59
C TRP A 80 15.56 6.74 -1.81
N ASP A 81 14.68 6.26 -0.93
CA ASP A 81 13.88 7.07 -0.01
C ASP A 81 14.73 7.29 1.24
N ALA A 82 15.60 8.31 1.17
CA ALA A 82 16.82 8.35 1.98
C ALA A 82 16.66 9.02 3.34
N PHE A 83 15.80 10.03 3.47
CA PHE A 83 15.68 10.70 4.76
C PHE A 83 14.92 9.83 5.75
N GLY A 84 15.02 10.17 7.03
CA GLY A 84 14.23 9.51 8.05
C GLY A 84 15.08 9.09 9.22
N MET A 85 14.42 8.44 10.18
CA MET A 85 14.99 8.10 11.47
C MET A 85 16.07 7.02 11.43
N PRO A 86 15.98 5.98 10.58
CA PRO A 86 17.04 4.95 10.58
C PRO A 86 18.46 5.51 10.57
N ALA A 87 18.75 6.45 9.68
CA ALA A 87 20.08 7.04 9.63
C ALA A 87 20.41 7.80 10.91
N GLU A 88 19.40 8.41 11.53
CA GLU A 88 19.63 9.18 12.75
C GLU A 88 20.07 8.28 13.89
N ASN A 89 19.37 7.15 14.06
CA ASN A 89 19.71 6.24 15.14
C ASN A 89 21.02 5.51 14.85
N ALA A 90 21.26 5.17 13.58
CA ALA A 90 22.55 4.60 13.21
C ALA A 90 23.69 5.54 13.55
N ALA A 91 23.49 6.85 13.33
CA ALA A 91 24.47 7.84 13.77
C ALA A 91 24.68 7.76 15.29
N MET A 92 23.58 7.69 16.04
CA MET A 92 23.69 7.66 17.50
C MET A 92 24.41 6.41 17.98
N LYS A 93 24.20 5.27 17.32
CA LYS A 93 24.84 4.04 17.76
C LYS A 93 26.26 3.89 17.24
N ASN A 94 26.55 4.42 16.05
CA ASN A 94 27.83 4.18 15.39
C ASN A 94 28.75 5.40 15.36
N ASN A 95 28.28 6.57 15.80
CA ASN A 95 29.05 7.82 15.73
C ASN A 95 29.57 8.06 14.31
N VAL A 96 28.64 8.01 13.35
CA VAL A 96 28.92 8.33 11.95
C VAL A 96 27.83 9.28 11.47
N ALA A 97 28.14 10.01 10.42
CA ALA A 97 27.18 10.96 9.89
C ALA A 97 26.04 10.23 9.19
N PRO A 98 24.79 10.69 9.35
CA PRO A 98 23.67 10.06 8.63
C PRO A 98 23.86 10.00 7.13
N ALA A 99 24.39 11.06 6.52
CA ALA A 99 24.61 11.05 5.08
C ALA A 99 25.62 9.98 4.68
N ALA A 100 26.78 9.95 5.34
CA ALA A 100 27.81 8.98 5.00
C ALA A 100 27.30 7.55 5.14
N TRP A 101 26.53 7.28 6.21
CA TRP A 101 25.91 5.98 6.40
C TRP A 101 24.89 5.70 5.31
N THR A 102 24.19 6.73 4.85
CA THR A 102 23.17 6.55 3.82
C THR A 102 23.80 6.25 2.47
N TYR A 103 24.84 7.00 2.09
CA TYR A 103 25.47 6.78 0.79
C TYR A 103 26.17 5.43 0.72
N ASP A 104 26.66 4.92 1.85
CA ASP A 104 27.25 3.59 1.84
C ASP A 104 26.19 2.51 1.67
N ASN A 105 25.07 2.63 2.40
CA ASN A 105 23.98 1.67 2.22
C ASN A 105 23.52 1.65 0.77
N ILE A 106 23.44 2.83 0.14
CA ILE A 106 22.95 2.93 -1.23
C ILE A 106 23.87 2.15 -2.18
N GLU A 107 25.18 2.33 -2.01
CA GLU A 107 26.14 1.63 -2.85
C GLU A 107 26.00 0.12 -2.71
N TYR A 108 25.85 -0.37 -1.47
CA TYR A 108 25.78 -1.81 -1.27
C TYR A 108 24.45 -2.37 -1.79
N MET A 109 23.33 -1.71 -1.50
CA MET A 109 22.04 -2.20 -1.97
C MET A 109 21.90 -2.07 -3.49
N LYS A 110 22.52 -1.07 -4.10
CA LYS A 110 22.51 -0.97 -5.55
C LYS A 110 23.22 -2.17 -6.19
N THR A 111 24.32 -2.63 -5.59
CA THR A 111 24.98 -3.84 -6.09
C THR A 111 24.06 -5.05 -5.99
N GLN A 112 23.36 -5.18 -4.87
CA GLN A 112 22.48 -6.32 -4.66
C GLN A 112 21.35 -6.33 -5.69
N LEU A 113 20.68 -5.18 -5.88
CA LEU A 113 19.63 -5.12 -6.89
C LEU A 113 20.16 -5.51 -8.27
N LYS A 114 21.38 -5.07 -8.59
CA LYS A 114 21.94 -5.36 -9.91
C LYS A 114 22.23 -6.86 -10.06
N SER A 115 22.69 -7.49 -9.00
CA SER A 115 22.99 -8.91 -9.07
C SER A 115 21.74 -9.76 -9.21
N LEU A 116 20.59 -9.24 -8.79
CA LEU A 116 19.32 -9.93 -8.99
C LEU A 116 18.82 -9.85 -10.42
N GLY A 117 19.39 -8.95 -11.23
CA GLY A 117 19.05 -8.90 -12.64
C GLY A 117 17.80 -8.12 -12.99
N PHE A 118 17.40 -7.17 -12.15
CA PHE A 118 16.21 -6.38 -12.45
C PHE A 118 16.50 -5.47 -13.63
N ALA A 119 15.56 -5.41 -14.59
CA ALA A 119 15.73 -4.60 -15.78
C ALA A 119 15.39 -3.16 -15.43
N VAL A 120 16.35 -2.46 -14.83
CA VAL A 120 16.14 -1.14 -14.23
C VAL A 120 16.95 -0.10 -14.98
N ASP A 121 16.34 1.06 -15.24
CA ASP A 121 17.03 2.19 -15.86
C ASP A 121 17.80 2.96 -14.80
N TRP A 122 19.05 2.54 -14.56
CA TRP A 122 19.83 3.16 -13.51
C TRP A 122 20.26 4.57 -13.85
N GLU A 123 20.14 4.98 -15.12
CA GLU A 123 20.41 6.36 -15.50
C GLU A 123 19.38 7.33 -14.93
N ARG A 124 18.24 6.82 -14.45
CA ARG A 124 17.20 7.64 -13.82
C ARG A 124 17.23 7.55 -12.29
N GLU A 125 18.29 6.96 -11.72
CA GLU A 125 18.41 6.84 -10.28
C GLU A 125 18.29 8.19 -9.58
N VAL A 126 17.54 8.22 -8.47
CA VAL A 126 17.47 9.42 -7.63
C VAL A 126 17.72 9.00 -6.20
N ALA A 127 18.28 9.92 -5.43
CA ALA A 127 18.42 9.78 -3.98
C ALA A 127 17.83 11.04 -3.35
N THR A 128 16.78 10.86 -2.55
CA THR A 128 16.02 12.02 -2.09
C THR A 128 16.77 12.87 -1.06
N CYS A 129 17.89 12.38 -0.50
CA CYS A 129 18.66 13.18 0.44
C CYS A 129 19.65 14.09 -0.27
N LYS A 130 19.66 14.10 -1.60
CA LYS A 130 20.52 14.98 -2.39
C LYS A 130 19.81 16.30 -2.64
N PRO A 131 20.51 17.43 -2.49
CA PRO A 131 19.87 18.72 -2.76
C PRO A 131 19.29 18.83 -4.17
N GLU A 132 19.91 18.17 -5.15
CA GLU A 132 19.37 18.13 -6.51
C GLU A 132 17.94 17.58 -6.53
N TYR A 133 17.57 16.79 -5.53
CA TYR A 133 16.21 16.28 -5.44
C TYR A 133 15.35 17.18 -4.54
N TYR A 134 15.78 17.41 -3.30
CA TYR A 134 14.82 18.02 -2.38
C TYR A 134 14.66 19.51 -2.59
N ARG A 135 15.55 20.15 -3.37
CA ARG A 135 15.33 21.56 -3.71
C ARG A 135 13.94 21.76 -4.31
N TRP A 136 13.43 20.73 -5.02
CA TRP A 136 12.19 20.92 -5.75
C TRP A 136 10.97 20.81 -4.86
N GLU A 137 11.05 20.04 -3.77
CA GLU A 137 9.94 20.08 -2.82
C GLU A 137 10.02 21.33 -1.94
N GLN A 138 11.24 21.84 -1.71
CA GLN A 138 11.36 23.17 -1.12
C GLN A 138 10.74 24.22 -2.03
N TRP A 139 10.96 24.09 -3.34
CA TRP A 139 10.34 25.01 -4.28
C TRP A 139 8.82 24.98 -4.18
N LEU A 140 8.23 23.78 -4.26
CA LEU A 140 6.77 23.67 -4.21
C LEU A 140 6.22 24.19 -2.89
N PHE A 141 6.93 23.90 -1.79
CA PHE A 141 6.55 24.38 -0.47
C PHE A 141 6.36 25.89 -0.46
N THR A 142 7.39 26.62 -0.90
CA THR A 142 7.31 28.09 -0.94
C THR A 142 6.12 28.53 -1.79
N LYS A 143 5.94 27.88 -2.94
CA LYS A 143 4.85 28.28 -3.83
C LYS A 143 3.50 28.05 -3.16
N LEU A 144 3.33 26.91 -2.50
CA LEU A 144 2.06 26.66 -1.82
C LEU A 144 1.93 27.52 -0.57
N PHE A 145 3.04 27.87 0.08
CA PHE A 145 3.00 28.76 1.23
C PHE A 145 2.48 30.13 0.83
N GLU A 146 2.90 30.63 -0.33
CA GLU A 146 2.44 31.93 -0.80
C GLU A 146 0.94 31.91 -1.09
N LYS A 147 0.43 30.79 -1.59
CA LYS A 147 -0.99 30.63 -1.87
C LYS A 147 -1.81 30.32 -0.62
N GLY A 148 -1.17 29.97 0.49
CA GLY A 148 -1.89 29.55 1.67
C GLY A 148 -2.23 28.08 1.72
N ILE A 149 -1.86 27.30 0.70
CA ILE A 149 -2.08 25.85 0.75
C ILE A 149 -1.19 25.22 1.82
N VAL A 150 0.01 25.76 2.02
CA VAL A 150 0.81 25.48 3.21
C VAL A 150 0.68 26.67 4.14
N TYR A 151 0.52 26.40 5.43
CA TYR A 151 0.35 27.48 6.41
C TYR A 151 1.01 27.09 7.71
N ARG A 152 1.21 28.09 8.56
CA ARG A 152 1.86 27.93 9.85
C ARG A 152 0.83 28.18 10.94
N LYS A 153 0.69 27.23 11.86
CA LYS A 153 -0.30 27.32 12.93
C LYS A 153 0.28 26.67 14.18
N ASN A 154 -0.19 27.13 15.34
CA ASN A 154 0.17 26.45 16.57
C ASN A 154 -0.52 25.10 16.65
N GLY A 155 0.25 24.07 17.01
CA GLY A 155 -0.30 22.76 17.24
C GLY A 155 0.32 22.15 18.48
N THR A 156 -0.37 21.17 19.05
CA THR A 156 0.08 20.54 20.28
C THR A 156 0.79 19.23 19.96
N VAL A 157 1.89 18.96 20.67
CA VAL A 157 2.69 17.76 20.47
C VAL A 157 3.02 17.12 21.81
N ASN A 158 3.47 15.87 21.74
CA ASN A 158 4.00 15.15 22.89
C ASN A 158 5.50 15.41 23.00
N TRP A 159 5.91 16.07 24.08
CA TRP A 159 7.31 16.31 24.35
C TRP A 159 7.78 15.29 25.39
N ASP A 160 8.90 14.63 25.09
CA ASP A 160 9.59 13.81 26.08
C ASP A 160 10.65 14.67 26.74
N PRO A 161 10.53 14.99 28.04
CA PRO A 161 11.50 15.89 28.67
C PRO A 161 12.83 15.24 29.03
N VAL A 162 12.94 13.91 28.97
CA VAL A 162 14.18 13.24 29.31
C VAL A 162 15.06 13.02 28.08
N ASP A 163 14.45 12.59 26.98
CA ASP A 163 15.15 12.41 25.71
C ASP A 163 15.12 13.65 24.83
N GLN A 164 14.43 14.71 25.27
CA GLN A 164 14.50 16.02 24.60
C GLN A 164 14.05 15.97 23.15
N THR A 165 12.97 15.24 22.88
CA THR A 165 12.51 15.13 21.51
C THR A 165 11.00 14.99 21.47
N VAL A 166 10.43 15.31 20.31
CA VAL A 166 9.01 15.14 20.06
C VAL A 166 8.73 13.67 19.74
N LEU A 167 7.63 13.15 20.25
CA LEU A 167 7.31 11.74 20.11
C LEU A 167 5.99 11.56 19.37
N ALA A 168 5.98 10.61 18.45
CA ALA A 168 4.75 10.22 17.79
C ALA A 168 3.78 9.64 18.81
N ASN A 169 2.49 9.74 18.49
CA ASN A 169 1.47 9.23 19.42
C ASN A 169 1.56 7.73 19.59
N GLU A 170 1.97 7.00 18.54
CA GLU A 170 2.21 5.56 18.70
C GLU A 170 3.37 5.30 19.64
N GLN A 171 4.20 6.32 19.91
CA GLN A 171 5.38 6.19 20.76
C GLN A 171 5.10 6.56 22.21
N VAL A 172 3.84 6.57 22.63
CA VAL A 172 3.46 6.88 24.02
C VAL A 172 2.73 5.67 24.59
N ILE A 173 3.27 5.11 25.67
CA ILE A 173 2.66 4.02 26.40
C ILE A 173 2.34 4.52 27.79
N ASP A 174 1.06 4.49 28.17
CA ASP A 174 0.61 4.87 29.51
C ASP A 174 1.05 6.29 29.85
N GLY A 175 1.02 7.18 28.87
CA GLY A 175 1.41 8.55 29.06
C GLY A 175 2.90 8.81 29.14
N ARG A 176 3.74 7.82 28.81
CA ARG A 176 5.18 7.92 28.96
C ARG A 176 5.90 7.56 27.67
N GLY A 177 7.09 8.12 27.48
CA GLY A 177 7.88 7.83 26.29
C GLY A 177 8.42 6.40 26.30
N TRP A 178 8.54 5.82 25.09
CA TRP A 178 8.82 4.40 25.00
C TRP A 178 10.25 4.09 25.42
N ARG A 179 11.22 4.89 25.00
CA ARG A 179 12.59 4.67 25.45
C ARG A 179 12.81 5.25 26.84
N SER A 180 12.60 6.56 27.00
CA SER A 180 12.85 7.24 28.27
C SER A 180 12.04 6.61 29.40
N GLY A 181 10.75 6.39 29.16
CA GLY A 181 9.87 6.00 30.24
C GLY A 181 9.39 7.16 31.08
N ALA A 182 9.62 8.39 30.65
CA ALA A 182 9.24 9.57 31.39
C ALA A 182 7.86 10.05 30.94
N LEU A 183 7.15 10.71 31.86
CA LEU A 183 5.83 11.25 31.54
C LEU A 183 5.95 12.31 30.46
N ILE A 184 5.23 12.13 29.35
CA ILE A 184 5.32 13.12 28.28
C ILE A 184 4.57 14.37 28.68
N GLU A 185 5.03 15.51 28.14
CA GLU A 185 4.41 16.80 28.34
C GLU A 185 3.79 17.24 27.03
N LYS A 186 2.51 17.61 27.08
CA LYS A 186 1.84 18.16 25.91
C LYS A 186 2.15 19.65 25.80
N ARG A 187 2.68 20.08 24.66
CA ARG A 187 3.10 21.46 24.47
C ARG A 187 2.67 21.99 23.12
N GLU A 188 2.40 23.30 23.07
CA GLU A 188 1.99 24.00 21.86
C GLU A 188 3.20 24.61 21.17
N ILE A 189 3.45 24.22 19.92
CA ILE A 189 4.53 24.81 19.14
C ILE A 189 3.99 25.17 17.76
N PRO A 190 4.56 26.18 17.09
CA PRO A 190 4.15 26.47 15.71
C PRO A 190 4.66 25.41 14.76
N MET A 191 3.78 25.00 13.83
CA MET A 191 4.11 23.96 12.88
C MET A 191 3.48 24.30 11.53
N TYR A 192 3.94 23.59 10.50
CA TYR A 192 3.51 23.80 9.13
C TYR A 192 2.56 22.69 8.71
N TYR A 193 1.53 23.07 7.97
CA TYR A 193 0.47 22.16 7.55
C TYR A 193 0.19 22.33 6.06
N PHE A 194 -0.08 21.21 5.41
CA PHE A 194 -0.69 21.22 4.08
C PHE A 194 -2.21 21.26 4.26
N LYS A 195 -2.85 22.17 3.55
CA LYS A 195 -4.31 22.29 3.60
C LYS A 195 -4.98 21.17 2.79
N ILE A 196 -4.67 19.92 3.15
CA ILE A 196 -5.20 18.81 2.36
C ILE A 196 -6.72 18.75 2.39
N THR A 197 -7.36 19.29 3.43
CA THR A 197 -8.81 19.29 3.50
C THR A 197 -9.45 20.07 2.37
N ASP A 198 -8.76 21.08 1.82
CA ASP A 198 -9.27 21.78 0.65
C ASP A 198 -9.42 20.89 -0.56
N TYR A 199 -8.78 19.71 -0.57
CA TYR A 199 -8.83 18.79 -1.68
C TYR A 199 -9.60 17.51 -1.34
N ALA A 200 -10.25 17.46 -0.18
CA ALA A 200 -10.89 16.25 0.30
C ALA A 200 -11.92 15.73 -0.70
N GLU A 201 -12.79 16.61 -1.19
CA GLU A 201 -13.86 16.17 -2.08
C GLU A 201 -13.31 15.66 -3.39
N GLU A 202 -12.29 16.34 -3.93
CA GLU A 202 -11.59 15.82 -5.10
C GLU A 202 -10.97 14.46 -4.81
N LEU A 203 -10.25 14.35 -3.69
CA LEU A 203 -9.57 13.09 -3.38
C LEU A 203 -10.57 11.96 -3.19
N LEU A 204 -11.72 12.27 -2.59
CA LEU A 204 -12.76 11.26 -2.40
C LEU A 204 -13.34 10.82 -3.74
N ASN A 205 -13.76 11.79 -4.56
CA ASN A 205 -14.53 11.45 -5.76
C ASN A 205 -13.65 10.77 -6.81
N ASP A 206 -12.41 11.23 -6.96
CA ASP A 206 -11.55 10.68 -8.00
C ASP A 206 -11.23 9.22 -7.76
N LEU A 207 -11.43 8.70 -6.54
CA LEU A 207 -11.26 7.28 -6.31
C LEU A 207 -12.12 6.46 -7.26
N ASP A 208 -13.31 6.97 -7.60
CA ASP A 208 -14.21 6.25 -8.49
C ASP A 208 -13.60 6.03 -9.88
N LYS A 209 -12.58 6.82 -10.26
CA LYS A 209 -11.93 6.64 -11.55
C LYS A 209 -11.02 5.42 -11.59
N LEU A 210 -10.65 4.89 -10.42
CA LEU A 210 -9.54 3.95 -10.30
C LEU A 210 -10.06 2.51 -10.42
N GLU A 211 -10.52 2.19 -11.63
CA GLU A 211 -11.16 0.90 -11.88
C GLU A 211 -10.17 -0.26 -11.77
N HIS A 212 -8.87 0.02 -11.78
CA HIS A 212 -7.87 -1.03 -11.65
C HIS A 212 -7.13 -0.96 -10.31
N TRP A 213 -7.76 -0.43 -9.33
CA TRP A 213 -7.29 -0.51 -7.96
C TRP A 213 -8.10 -1.54 -7.19
N PRO A 214 -7.50 -2.20 -6.21
CA PRO A 214 -8.26 -3.12 -5.36
C PRO A 214 -9.30 -2.35 -4.54
N GLU A 215 -10.51 -2.90 -4.48
CA GLU A 215 -11.60 -2.14 -3.86
C GLU A 215 -11.33 -1.88 -2.37
N GLN A 216 -10.58 -2.76 -1.72
CA GLN A 216 -10.33 -2.56 -0.29
C GLN A 216 -9.44 -1.36 -0.05
N VAL A 217 -8.52 -1.07 -0.99
CA VAL A 217 -7.69 0.12 -0.86
C VAL A 217 -8.55 1.37 -1.05
N LYS A 218 -9.43 1.35 -2.06
CA LYS A 218 -10.34 2.47 -2.25
C LYS A 218 -11.23 2.65 -1.04
N THR A 219 -11.75 1.55 -0.50
CA THR A 219 -12.61 1.62 0.70
C THR A 219 -11.86 2.21 1.88
N MET A 220 -10.60 1.81 2.09
CA MET A 220 -9.84 2.37 3.19
C MET A 220 -9.60 3.85 3.02
N GLN A 221 -9.44 4.32 1.78
CA GLN A 221 -9.23 5.74 1.57
C GLN A 221 -10.53 6.52 1.76
N ARG A 222 -11.64 6.00 1.25
CA ARG A 222 -12.93 6.63 1.51
C ARG A 222 -13.18 6.76 3.02
N ASN A 223 -12.86 5.71 3.79
CA ASN A 223 -13.13 5.75 5.22
C ASN A 223 -12.20 6.73 5.92
N TRP A 224 -10.95 6.81 5.46
CA TRP A 224 -10.00 7.73 6.07
C TRP A 224 -10.45 9.17 5.85
N ILE A 225 -10.86 9.50 4.63
CA ILE A 225 -11.39 10.83 4.36
C ILE A 225 -12.66 11.04 5.14
N GLY A 226 -13.49 9.99 5.25
CA GLY A 226 -14.65 10.01 6.10
C GLY A 226 -15.59 11.17 5.87
N LYS A 227 -15.99 11.39 4.62
CA LYS A 227 -17.03 12.37 4.32
C LYS A 227 -18.37 11.90 4.87
N SER A 228 -19.16 12.84 5.40
CA SER A 228 -20.51 12.52 5.84
C SER A 228 -21.40 13.74 5.63
N ARG A 229 -22.66 13.50 5.26
CA ARG A 229 -23.66 14.54 5.15
C ARG A 229 -24.65 14.37 6.29
N GLY A 230 -24.60 15.28 7.25
CA GLY A 230 -25.39 15.15 8.45
C GLY A 230 -26.18 16.41 8.71
N MET A 231 -26.28 16.76 9.98
CA MET A 231 -27.12 17.87 10.39
C MET A 231 -26.48 18.54 11.59
N THR A 232 -26.35 19.86 11.52
CA THR A 232 -26.05 20.66 12.70
C THR A 232 -27.35 20.92 13.44
N VAL A 233 -27.38 20.57 14.73
CA VAL A 233 -28.56 20.69 15.59
C VAL A 233 -28.17 21.47 16.83
N ARG A 234 -28.98 22.46 17.18
CA ARG A 234 -28.76 23.25 18.38
C ARG A 234 -29.81 22.89 19.42
N PHE A 235 -29.36 22.66 20.65
CA PHE A 235 -30.22 22.40 21.79
C PHE A 235 -30.13 23.60 22.73
N ALA A 236 -31.28 24.21 23.04
CA ALA A 236 -31.29 25.35 23.94
C ALA A 236 -30.90 24.92 25.35
N VAL A 237 -29.97 25.65 25.96
CA VAL A 237 -29.60 25.41 27.35
C VAL A 237 -30.79 25.74 28.24
N SER A 238 -31.09 24.86 29.19
CA SER A 238 -32.23 25.09 30.06
C SER A 238 -31.97 26.26 31.01
N ASP A 239 -33.07 26.88 31.45
CA ASP A 239 -32.99 28.06 32.31
C ASP A 239 -32.08 27.84 33.51
N ASP A 240 -32.09 26.63 34.06
CA ASP A 240 -31.36 26.34 35.29
C ASP A 240 -29.89 25.98 35.06
N SER A 241 -29.43 25.94 33.80
CA SER A 241 -28.11 25.36 33.50
C SER A 241 -27.16 26.35 32.85
N LYS A 242 -27.43 27.65 32.93
CA LYS A 242 -26.63 28.64 32.24
C LYS A 242 -25.55 29.26 33.10
N GLN A 243 -25.41 28.81 34.35
CA GLN A 243 -24.40 29.37 35.24
C GLN A 243 -23.00 29.18 34.69
N GLY A 244 -22.23 30.26 34.63
CA GLY A 244 -20.85 30.20 34.20
C GLY A 244 -20.62 30.21 32.71
N LEU A 245 -21.67 30.24 31.90
CA LEU A 245 -21.53 30.16 30.45
C LEU A 245 -21.66 31.53 29.83
N GLU A 246 -20.85 31.80 28.81
CA GLU A 246 -20.83 33.08 28.12
C GLU A 246 -21.11 32.87 26.64
N GLY A 247 -21.68 33.90 26.01
CA GLY A 247 -21.86 33.88 24.56
C GLY A 247 -22.98 32.96 24.12
N ASP A 248 -22.82 32.41 22.91
CA ASP A 248 -23.79 31.45 22.40
C ASP A 248 -23.81 30.16 23.22
N TYR A 249 -22.77 29.91 24.01
CA TYR A 249 -22.75 28.76 24.90
C TYR A 249 -23.73 28.92 26.06
N ALA A 250 -24.08 30.15 26.41
CA ALA A 250 -25.16 30.37 27.37
C ALA A 250 -26.53 30.17 26.73
N LYS A 251 -26.61 30.21 25.40
CA LYS A 251 -27.88 30.08 24.70
C LYS A 251 -28.18 28.64 24.29
N PHE A 252 -27.19 27.92 23.75
CA PHE A 252 -27.47 26.59 23.22
C PHE A 252 -26.22 25.74 23.21
N LEU A 253 -26.44 24.44 23.08
CA LEU A 253 -25.39 23.47 22.78
C LEU A 253 -25.61 22.98 21.36
N GLN A 254 -24.59 23.14 20.53
CA GLN A 254 -24.69 22.78 19.11
C GLN A 254 -23.91 21.50 18.87
N VAL A 255 -24.55 20.56 18.17
CA VAL A 255 -23.96 19.26 17.86
C VAL A 255 -24.10 19.01 16.37
N TYR A 256 -23.32 18.04 15.90
CA TYR A 256 -23.45 17.51 14.56
C TYR A 256 -23.83 16.04 14.68
N THR A 257 -24.80 15.61 13.86
CA THR A 257 -25.16 14.21 13.78
C THR A 257 -25.36 13.83 12.32
N THR A 258 -25.03 12.59 11.99
CA THR A 258 -25.37 12.01 10.69
C THR A 258 -26.71 11.26 10.72
N ARG A 259 -27.35 11.18 11.89
CA ARG A 259 -28.64 10.49 12.01
C ARG A 259 -29.70 11.44 12.57
N PRO A 260 -30.02 12.52 11.87
CA PRO A 260 -31.09 13.41 12.35
C PRO A 260 -32.47 12.76 12.29
N ASP A 261 -32.63 11.67 11.53
CA ASP A 261 -33.86 10.92 11.49
C ASP A 261 -34.18 10.23 12.82
N THR A 262 -33.25 10.23 13.76
CA THR A 262 -33.45 9.65 15.08
C THR A 262 -33.41 10.71 16.18
N LEU A 263 -33.53 12.00 15.81
CA LEU A 263 -33.48 13.06 16.81
C LEU A 263 -34.57 12.89 17.86
N MET A 264 -35.67 12.22 17.49
CA MET A 264 -36.73 11.95 18.47
C MET A 264 -36.29 10.96 19.52
N GLY A 265 -35.26 10.17 19.25
CA GLY A 265 -34.77 9.17 20.17
C GLY A 265 -33.58 9.56 21.02
N ALA A 266 -33.06 10.79 20.91
CA ALA A 266 -31.94 11.19 21.74
C ALA A 266 -32.34 11.16 23.21
N THR A 267 -31.51 10.52 24.04
CA THR A 267 -31.82 10.41 25.45
C THR A 267 -30.83 11.14 26.35
N TYR A 268 -29.72 11.61 25.81
CA TYR A 268 -28.77 12.46 26.51
C TYR A 268 -27.84 13.05 25.46
N VAL A 269 -26.99 13.97 25.89
CA VAL A 269 -26.02 14.64 25.04
C VAL A 269 -24.65 14.51 25.70
N ALA A 270 -23.60 14.64 24.89
CA ALA A 270 -22.26 14.44 25.41
C ALA A 270 -21.32 15.46 24.79
N VAL A 271 -20.39 15.97 25.60
CA VAL A 271 -19.49 17.04 25.18
C VAL A 271 -18.06 16.64 25.47
N ALA A 272 -17.13 17.31 24.77
CA ALA A 272 -15.71 17.09 25.02
C ALA A 272 -15.29 17.71 26.34
N ALA A 273 -14.18 17.19 26.88
CA ALA A 273 -13.65 17.70 28.13
C ALA A 273 -13.29 19.18 28.04
N GLU A 274 -12.94 19.65 26.85
CA GLU A 274 -12.57 21.05 26.64
C GLU A 274 -13.77 21.95 26.38
N HIS A 275 -14.97 21.38 26.29
CA HIS A 275 -16.15 22.18 25.98
C HIS A 275 -16.46 23.18 27.10
N PRO A 276 -16.94 24.37 26.76
CA PRO A 276 -17.30 25.34 27.82
C PRO A 276 -18.30 24.81 28.83
N LEU A 277 -19.25 23.97 28.41
CA LEU A 277 -20.20 23.39 29.36
C LEU A 277 -19.50 22.46 30.35
N ALA A 278 -18.52 21.68 29.88
CA ALA A 278 -17.71 20.89 30.80
C ALA A 278 -16.98 21.77 31.80
N THR A 279 -16.41 22.89 31.33
CA THR A 279 -15.65 23.77 32.24
C THR A 279 -16.56 24.39 33.29
N ALA A 280 -17.71 24.93 32.86
CA ALA A 280 -18.61 25.59 33.81
C ALA A 280 -19.21 24.60 34.79
N ALA A 281 -19.57 23.40 34.32
CA ALA A 281 -20.08 22.37 35.21
C ALA A 281 -19.05 21.94 36.24
N ALA A 282 -17.79 21.80 35.82
CA ALA A 282 -16.76 21.24 36.69
C ALA A 282 -16.23 22.24 37.71
N ALA A 283 -16.61 23.52 37.61
CA ALA A 283 -15.97 24.56 38.42
C ALA A 283 -16.14 24.31 39.91
N ASP A 284 -17.23 23.64 40.31
CA ASP A 284 -17.47 23.35 41.72
C ASP A 284 -17.55 21.85 42.00
N LYS A 285 -17.01 21.02 41.11
CA LYS A 285 -17.20 19.57 41.17
C LYS A 285 -15.86 18.88 40.95
N PRO A 286 -15.13 18.57 42.03
CA PRO A 286 -13.77 18.04 41.88
C PRO A 286 -13.69 16.76 41.06
N GLU A 287 -14.71 15.91 41.12
CA GLU A 287 -14.66 14.69 40.32
C GLU A 287 -14.73 15.00 38.82
N LEU A 288 -15.44 16.07 38.44
CA LEU A 288 -15.47 16.44 37.04
C LEU A 288 -14.13 17.03 36.60
N GLN A 289 -13.51 17.85 37.47
CA GLN A 289 -12.21 18.41 37.15
C GLN A 289 -11.18 17.33 36.89
N ALA A 290 -11.19 16.27 37.70
CA ALA A 290 -10.25 15.17 37.51
C ALA A 290 -10.55 14.42 36.21
N PHE A 291 -11.83 14.26 35.87
CA PHE A 291 -12.17 13.62 34.61
C PHE A 291 -11.70 14.46 33.44
N ILE A 292 -11.93 15.77 33.50
CA ILE A 292 -11.46 16.67 32.45
C ILE A 292 -9.94 16.56 32.30
N ALA A 293 -9.23 16.44 33.43
CA ALA A 293 -7.77 16.34 33.38
C ALA A 293 -7.31 15.00 32.80
N GLU A 294 -7.99 13.91 33.18
CA GLU A 294 -7.57 12.60 32.69
C GLU A 294 -7.79 12.46 31.18
N CYS A 295 -8.84 13.10 30.66
CA CYS A 295 -9.06 13.15 29.22
C CYS A 295 -7.95 13.91 28.51
N LYS A 296 -7.63 15.09 29.01
CA LYS A 296 -6.64 15.94 28.36
C LYS A 296 -5.26 15.29 28.37
N ALA A 297 -4.96 14.50 29.40
CA ALA A 297 -3.71 13.77 29.44
C ALA A 297 -3.70 12.56 28.52
N GLY A 298 -4.83 12.20 27.92
CA GLY A 298 -4.86 11.05 27.03
C GLY A 298 -4.04 11.27 25.77
N SER A 299 -3.57 10.16 25.18
CA SER A 299 -2.83 10.15 23.92
C SER A 299 -3.19 8.86 23.17
N VAL A 300 -4.33 8.89 22.47
CA VAL A 300 -4.88 7.71 21.79
C VAL A 300 -4.81 7.95 20.29
N ALA A 301 -3.91 7.25 19.61
CA ALA A 301 -3.87 7.27 18.15
C ALA A 301 -5.12 6.61 17.58
N GLU A 302 -5.46 6.99 16.36
CA GLU A 302 -6.79 6.70 15.82
C GLU A 302 -7.09 5.22 15.60
N ALA A 303 -6.08 4.38 15.34
CA ALA A 303 -6.32 2.94 15.29
C ALA A 303 -6.72 2.37 16.65
N ASP A 304 -6.67 3.18 17.70
CA ASP A 304 -7.02 2.75 19.05
C ASP A 304 -8.18 3.53 19.65
N MET A 305 -8.83 4.42 18.91
CA MET A 305 -9.91 5.21 19.49
C MET A 305 -11.18 4.39 19.65
N ALA A 306 -11.47 3.53 18.68
CA ALA A 306 -12.62 2.63 18.82
C ALA A 306 -12.36 1.54 19.85
N THR A 307 -11.10 1.22 20.12
CA THR A 307 -10.74 0.15 21.03
C THR A 307 -10.49 0.65 22.45
N MET A 308 -10.74 1.91 22.74
CA MET A 308 -10.59 2.41 24.11
C MET A 308 -11.94 2.36 24.81
N GLU A 309 -11.89 2.12 26.12
CA GLU A 309 -13.12 2.08 26.90
C GLU A 309 -13.71 3.48 26.98
N LYS A 310 -14.97 3.61 26.54
CA LYS A 310 -15.65 4.89 26.59
C LYS A 310 -16.20 5.12 28.00
N LYS A 311 -15.93 6.30 28.56
CA LYS A 311 -16.34 6.64 29.91
C LYS A 311 -16.91 8.04 29.89
N GLY A 312 -17.83 8.31 30.83
CA GLY A 312 -18.48 9.60 30.90
C GLY A 312 -18.79 9.99 32.33
N VAL A 313 -19.15 11.26 32.50
CA VAL A 313 -19.60 11.79 33.79
C VAL A 313 -20.80 12.69 33.54
N PRO A 314 -21.88 12.58 34.31
CA PRO A 314 -22.98 13.54 34.18
C PRO A 314 -22.58 14.87 34.79
N THR A 315 -23.12 15.96 34.22
CA THR A 315 -22.75 17.30 34.65
C THR A 315 -23.80 18.00 35.51
N GLY A 316 -25.03 17.49 35.54
CA GLY A 316 -26.11 18.21 36.17
C GLY A 316 -26.67 19.34 35.34
N ARG A 317 -26.16 19.54 34.13
CA ARG A 317 -26.65 20.57 33.21
C ARG A 317 -27.56 19.95 32.16
N TYR A 318 -28.53 20.75 31.69
CA TYR A 318 -29.59 20.24 30.84
C TYR A 318 -29.78 21.12 29.60
N VAL A 319 -30.19 20.47 28.50
CA VAL A 319 -30.55 21.12 27.25
C VAL A 319 -31.88 20.53 26.78
N VAL A 320 -32.49 21.20 25.80
CA VAL A 320 -33.82 20.86 25.32
C VAL A 320 -33.74 20.41 23.87
N ASN A 321 -34.29 19.23 23.58
CA ASN A 321 -34.41 18.77 22.21
C ASN A 321 -35.35 19.71 21.47
N PRO A 322 -34.89 20.35 20.39
CA PRO A 322 -35.74 21.35 19.72
C PRO A 322 -36.93 20.75 19.00
N LEU A 323 -36.98 19.43 18.85
CA LEU A 323 -38.00 18.78 18.04
C LEU A 323 -39.10 18.13 18.87
N ASN A 324 -38.81 17.57 20.05
CA ASN A 324 -39.87 17.13 20.94
C ASN A 324 -40.02 17.95 22.20
N GLY A 325 -38.95 18.56 22.71
CA GLY A 325 -39.01 19.32 23.94
C GLY A 325 -38.43 18.62 25.14
N ASP A 326 -37.94 17.39 24.99
CA ASP A 326 -37.37 16.65 26.11
C ASP A 326 -36.18 17.39 26.68
N LYS A 327 -36.19 17.59 28.01
CA LYS A 327 -35.01 18.03 28.71
C LYS A 327 -34.00 16.87 28.78
N LEU A 328 -32.75 17.13 28.37
CA LEU A 328 -31.74 16.08 28.29
C LEU A 328 -30.48 16.48 29.04
N GLU A 329 -29.92 15.54 29.81
CA GLU A 329 -28.71 15.82 30.58
C GLU A 329 -27.47 15.83 29.68
N VAL A 330 -26.56 16.76 29.99
CA VAL A 330 -25.27 16.83 29.33
C VAL A 330 -24.27 15.99 30.12
N TRP A 331 -23.58 15.09 29.42
CA TRP A 331 -22.48 14.33 29.97
C TRP A 331 -21.17 14.85 29.40
N ILE A 332 -20.09 14.69 30.16
CA ILE A 332 -18.74 14.77 29.62
C ILE A 332 -18.30 13.35 29.30
N ALA A 333 -17.79 13.13 28.09
CA ALA A 333 -17.36 11.79 27.68
C ALA A 333 -16.00 11.84 27.02
N ASN A 334 -15.28 10.72 27.12
CA ASN A 334 -13.89 10.67 26.68
C ASN A 334 -13.73 10.32 25.21
N TYR A 335 -14.83 10.08 24.48
CA TYR A 335 -14.74 9.81 23.05
C TYR A 335 -15.11 11.02 22.19
N VAL A 336 -15.54 12.13 22.81
CA VAL A 336 -15.87 13.34 22.08
C VAL A 336 -14.63 14.21 22.00
N LEU A 337 -14.17 14.48 20.77
CA LEU A 337 -12.89 15.13 20.54
C LEU A 337 -13.09 16.60 20.23
N TRP A 338 -12.41 17.46 21.00
CA TRP A 338 -12.46 18.91 20.77
C TRP A 338 -11.62 19.27 19.55
N GLY A 339 -12.28 19.59 18.45
CA GLY A 339 -11.61 19.83 17.19
C GLY A 339 -12.40 19.20 16.05
N TYR A 340 -13.12 18.12 16.34
CA TYR A 340 -14.00 17.47 15.37
C TYR A 340 -15.42 18.01 15.58
N GLY A 341 -16.01 18.55 14.51
CA GLY A 341 -17.33 19.13 14.64
C GLY A 341 -17.35 20.27 15.64
N ASP A 342 -18.33 20.25 16.54
CA ASP A 342 -18.46 21.23 17.61
C ASP A 342 -17.95 20.70 18.95
N GLY A 343 -17.26 19.57 18.95
CA GLY A 343 -16.88 18.94 20.21
C GLY A 343 -18.05 18.55 21.08
N ALA A 344 -19.14 18.10 20.45
CA ALA A 344 -20.38 17.79 21.16
C ALA A 344 -21.27 16.97 20.24
N VAL A 345 -21.88 15.91 20.78
CA VAL A 345 -22.73 15.01 20.03
C VAL A 345 -23.98 14.73 20.84
N MET A 346 -25.04 14.35 20.14
CA MET A 346 -26.16 13.71 20.81
C MET A 346 -25.99 12.19 20.76
N ALA A 347 -26.69 11.49 21.63
CA ALA A 347 -26.62 10.05 21.70
C ALA A 347 -28.01 9.46 21.51
N VAL A 348 -28.09 8.43 20.68
CA VAL A 348 -29.32 7.68 20.48
C VAL A 348 -29.00 6.21 20.75
N PRO A 349 -29.07 5.77 22.01
CA PRO A 349 -28.65 4.39 22.34
C PRO A 349 -29.38 3.31 21.59
N ALA A 350 -30.62 3.56 21.17
CA ALA A 350 -31.38 2.53 20.46
C ALA A 350 -30.87 2.26 19.05
N HIS A 351 -30.14 3.20 18.44
CA HIS A 351 -29.80 3.04 17.03
C HIS A 351 -28.35 3.35 16.68
N ASP A 352 -27.49 3.52 17.68
CA ASP A 352 -26.05 3.66 17.48
C ASP A 352 -25.37 2.74 18.48
N GLU A 353 -24.56 1.81 17.99
CA GLU A 353 -24.03 0.76 18.86
C GLU A 353 -23.14 1.33 19.97
N ARG A 354 -22.36 2.37 19.65
CA ARG A 354 -21.53 3.01 20.67
CA ARG A 354 -21.53 2.99 20.68
C ARG A 354 -22.40 3.60 21.77
N ASP A 355 -23.46 4.31 21.39
CA ASP A 355 -24.39 4.86 22.36
C ASP A 355 -25.13 3.75 23.11
N PHE A 356 -25.45 2.66 22.42
CA PHE A 356 -26.09 1.53 23.11
C PHE A 356 -25.23 1.04 24.26
N GLU A 357 -23.94 0.81 24.00
CA GLU A 357 -23.05 0.29 25.03
C GLU A 357 -22.80 1.32 26.13
N PHE A 358 -22.62 2.59 25.75
CA PHE A 358 -22.46 3.65 26.73
C PHE A 358 -23.68 3.70 27.65
N ALA A 359 -24.88 3.72 27.06
CA ALA A 359 -26.10 3.76 27.85
C ALA A 359 -26.29 2.49 28.66
N ALA A 360 -25.85 1.34 28.14
CA ALA A 360 -25.93 0.12 28.91
C ALA A 360 -25.04 0.19 30.15
N LYS A 361 -23.87 0.79 30.02
CA LYS A 361 -22.94 0.88 31.16
C LYS A 361 -23.55 1.68 32.30
N TYR A 362 -24.11 2.85 31.97
CA TYR A 362 -24.63 3.79 32.97
C TYR A 362 -26.14 3.74 33.12
N ASN A 363 -26.81 2.75 32.51
CA ASN A 363 -28.26 2.61 32.60
C ASN A 363 -28.98 3.89 32.16
N LEU A 364 -28.54 4.46 31.05
CA LEU A 364 -29.21 5.59 30.44
C LEU A 364 -30.38 5.10 29.60
N PRO A 365 -31.38 5.94 29.35
CA PRO A 365 -32.55 5.49 28.58
C PRO A 365 -32.23 5.11 27.15
N LYS A 366 -33.00 4.17 26.61
CA LYS A 366 -32.95 3.81 25.19
C LYS A 366 -34.35 3.89 24.62
N LYS A 367 -34.57 4.78 23.66
CA LYS A 367 -35.88 5.00 23.04
C LYS A 367 -35.82 4.59 21.57
N GLN A 368 -36.49 3.49 21.23
CA GLN A 368 -36.59 3.08 19.84
C GLN A 368 -37.44 4.08 19.06
N VAL A 369 -36.87 4.61 17.97
CA VAL A 369 -37.61 5.45 17.04
C VAL A 369 -37.56 4.92 15.62
N ILE A 370 -36.87 3.80 15.37
CA ILE A 370 -36.79 3.19 14.04
C ILE A 370 -37.28 1.76 14.11
N ALA A 371 -37.97 1.32 13.06
CA ALA A 371 -38.42 -0.06 12.89
C ALA A 371 -38.01 -0.57 11.51
N VAL A 372 -37.61 -1.84 11.46
CA VAL A 372 -37.27 -2.51 10.20
C VAL A 372 -38.15 -3.75 10.11
N GLY A 373 -39.26 -3.64 9.38
CA GLY A 373 -40.15 -4.77 9.35
C GLY A 373 -40.69 -5.04 10.75
N ASP A 374 -41.19 -6.27 10.93
CA ASP A 374 -41.75 -6.70 12.21
C ASP A 374 -40.69 -7.21 13.19
N ASN A 375 -39.42 -6.83 12.99
CA ASN A 375 -38.35 -7.17 13.92
C ASN A 375 -38.69 -6.75 15.34
N ALA A 376 -38.37 -7.60 16.30
CA ALA A 376 -38.58 -7.28 17.70
C ALA A 376 -37.43 -6.44 18.22
N PHE A 377 -37.75 -5.38 18.96
CA PHE A 377 -36.75 -4.51 19.55
C PHE A 377 -36.52 -4.94 21.00
N ASP A 378 -35.29 -5.35 21.31
CA ASP A 378 -34.89 -5.74 22.66
C ASP A 378 -33.99 -4.63 23.20
N ALA A 379 -34.51 -3.89 24.18
CA ALA A 379 -33.75 -2.80 24.79
C ALA A 379 -32.56 -3.27 25.61
N ASN A 380 -32.36 -4.59 25.77
CA ASN A 380 -31.24 -5.12 26.54
C ASN A 380 -30.22 -5.84 25.69
N ARG A 381 -30.46 -6.03 24.39
CA ARG A 381 -29.54 -6.76 23.52
C ARG A 381 -29.46 -6.03 22.19
N TRP A 382 -28.27 -5.58 21.82
CA TRP A 382 -28.08 -4.95 20.52
C TRP A 382 -28.34 -5.96 19.41
N GLN A 383 -28.88 -5.47 18.30
CA GLN A 383 -29.03 -6.27 17.09
C GLN A 383 -28.60 -5.41 15.92
N GLU A 384 -28.10 -6.07 14.86
CA GLU A 384 -27.54 -5.32 13.74
C GLU A 384 -28.55 -4.36 13.15
N TRP A 385 -29.82 -4.78 13.05
CA TRP A 385 -30.81 -3.96 12.36
C TRP A 385 -31.11 -2.65 13.10
N TYR A 386 -30.71 -2.52 14.37
CA TYR A 386 -30.95 -1.28 15.09
C TYR A 386 -30.35 -0.08 14.35
N GLY A 387 -29.22 -0.29 13.65
CA GLY A 387 -28.55 0.79 12.96
C GLY A 387 -28.87 0.91 11.48
N ASP A 388 -29.97 0.31 11.05
CA ASP A 388 -30.29 0.23 9.62
C ASP A 388 -30.73 1.59 9.09
N LYS A 389 -30.00 2.09 8.09
CA LYS A 389 -30.34 3.35 7.44
C LYS A 389 -31.24 3.15 6.22
N GLU A 390 -31.04 2.07 5.48
CA GLU A 390 -31.67 1.93 4.16
C GLU A 390 -33.14 1.56 4.27
N ASN A 391 -33.43 0.41 4.88
CA ASN A 391 -34.77 -0.18 4.86
C ASN A 391 -35.51 -0.01 6.18
N GLY A 392 -35.24 1.07 6.91
CA GLY A 392 -35.94 1.34 8.15
C GLY A 392 -36.98 2.44 7.98
N VAL A 393 -37.91 2.47 8.93
CA VAL A 393 -38.99 3.46 8.95
C VAL A 393 -39.19 3.94 10.38
N LEU A 394 -39.62 5.20 10.53
CA LEU A 394 -39.66 5.85 11.84
C LEU A 394 -40.91 5.49 12.64
N VAL A 395 -40.72 5.30 13.95
CA VAL A 395 -41.81 5.11 14.90
C VAL A 395 -41.52 5.96 16.14
N ASN A 396 -42.56 6.15 16.96
CA ASN A 396 -42.44 6.94 18.20
C ASN A 396 -41.88 8.32 17.93
N SER A 397 -42.07 8.82 16.72
CA SER A 397 -41.52 10.11 16.31
C SER A 397 -42.61 11.15 16.06
N GLY A 398 -43.84 10.86 16.48
CA GLY A 398 -44.93 11.81 16.31
C GLY A 398 -45.26 12.01 14.85
N ASP A 399 -45.15 13.26 14.37
CA ASP A 399 -45.56 13.56 13.01
C ASP A 399 -44.55 13.07 11.96
N LEU A 400 -43.44 12.47 12.38
CA LEU A 400 -42.48 11.90 11.45
C LEU A 400 -42.69 10.40 11.24
N ASP A 401 -43.63 9.79 11.95
CA ASP A 401 -43.82 8.34 11.89
C ASP A 401 -44.09 7.90 10.46
N GLY A 402 -43.43 6.82 10.03
CA GLY A 402 -43.69 6.26 8.73
C GLY A 402 -42.72 6.65 7.62
N LEU A 403 -41.75 7.51 7.89
CA LEU A 403 -40.83 8.00 6.87
C LEU A 403 -39.57 7.16 6.82
N ASP A 404 -39.01 7.03 5.62
CA ASP A 404 -37.71 6.38 5.47
C ASP A 404 -36.60 7.36 5.86
N PHE A 405 -35.34 6.91 5.77
CA PHE A 405 -34.23 7.75 6.20
C PHE A 405 -34.23 9.09 5.46
N GLN A 406 -34.24 9.04 4.12
CA GLN A 406 -33.99 10.26 3.35
C GLN A 406 -35.12 11.28 3.52
N THR A 407 -36.37 10.83 3.48
CA THR A 407 -37.45 11.80 3.62
C THR A 407 -37.61 12.28 5.06
N ALA A 408 -37.25 11.46 6.05
CA ALA A 408 -37.18 11.95 7.43
C ALA A 408 -36.10 13.01 7.58
N PHE A 409 -34.94 12.78 6.97
CA PHE A 409 -33.83 13.73 7.00
C PHE A 409 -34.27 15.12 6.55
N ASP A 410 -34.95 15.20 5.41
CA ASP A 410 -35.38 16.51 4.91
C ASP A 410 -36.54 17.06 5.72
N ALA A 411 -37.36 16.19 6.30
CA ALA A 411 -38.41 16.65 7.19
C ALA A 411 -37.82 17.27 8.45
N VAL A 412 -36.82 16.63 9.05
CA VAL A 412 -36.15 17.20 10.21
C VAL A 412 -35.43 18.49 9.83
N ALA A 413 -34.76 18.49 8.68
CA ALA A 413 -34.04 19.69 8.23
C ALA A 413 -34.98 20.89 8.09
N ALA A 414 -36.17 20.67 7.51
CA ALA A 414 -37.09 21.78 7.33
C ALA A 414 -37.58 22.33 8.67
N LYS A 415 -37.96 21.43 9.58
CA LYS A 415 -38.40 21.86 10.90
C LYS A 415 -37.30 22.64 11.61
N LEU A 416 -36.07 22.10 11.60
CA LEU A 416 -34.97 22.77 12.30
C LEU A 416 -34.69 24.14 11.70
N GLN A 417 -34.64 24.23 10.37
CA GLN A 417 -34.28 25.49 9.73
C GLN A 417 -35.34 26.57 9.96
N SER A 418 -36.62 26.21 9.95
CA SER A 418 -37.67 27.22 10.12
C SER A 418 -37.59 27.89 11.48
N GLN A 419 -37.32 27.13 12.53
CA GLN A 419 -37.22 27.69 13.87
C GLN A 419 -35.81 28.13 14.22
N GLY A 420 -34.86 27.99 13.28
CA GLY A 420 -33.49 28.39 13.52
C GLY A 420 -32.68 27.46 14.40
N ALA A 421 -33.13 26.20 14.56
CA ALA A 421 -32.47 25.27 15.46
C ALA A 421 -31.47 24.34 14.78
N GLY A 422 -31.22 24.53 13.49
CA GLY A 422 -30.21 23.71 12.83
C GLY A 422 -30.35 23.75 11.32
N GLU A 423 -29.39 23.07 10.66
CA GLU A 423 -29.28 23.09 9.21
C GLU A 423 -28.38 21.94 8.75
N PRO A 424 -28.53 21.46 7.51
CA PRO A 424 -27.64 20.41 7.01
C PRO A 424 -26.18 20.87 6.98
N LYS A 425 -25.28 19.91 7.09
CA LYS A 425 -23.86 20.24 7.06
C LYS A 425 -23.07 19.01 6.62
N THR A 426 -22.08 19.26 5.76
CA THR A 426 -21.14 18.24 5.31
C THR A 426 -19.87 18.32 6.14
N GLN A 427 -19.38 17.17 6.59
CA GLN A 427 -18.17 17.09 7.39
C GLN A 427 -17.22 16.03 6.81
N TYR A 428 -15.95 16.14 7.18
CA TYR A 428 -14.93 15.17 6.79
C TYR A 428 -14.09 14.85 8.02
N ARG A 429 -13.81 13.57 8.24
CA ARG A 429 -12.89 13.19 9.30
C ARG A 429 -11.47 13.67 9.00
N LEU A 430 -11.09 13.76 7.73
CA LEU A 430 -9.73 14.09 7.33
C LEU A 430 -9.24 15.37 8.00
N ARG A 431 -8.05 15.29 8.60
CA ARG A 431 -7.37 16.44 9.19
C ARG A 431 -6.34 16.98 8.20
N ASP A 432 -5.91 18.23 8.44
CA ASP A 432 -4.82 18.75 7.65
C ASP A 432 -3.53 17.99 7.96
N TRP A 433 -2.60 18.04 7.02
CA TRP A 433 -1.36 17.25 7.08
C TRP A 433 -0.24 18.10 7.68
N GLY A 434 0.16 17.78 8.91
CA GLY A 434 1.29 18.47 9.54
C GLY A 434 2.62 17.89 9.08
N ILE A 435 3.49 18.76 8.56
CA ILE A 435 4.73 18.31 7.93
C ILE A 435 5.99 18.68 8.72
N SER A 436 5.89 19.51 9.75
CA SER A 436 7.05 19.83 10.56
C SER A 436 7.53 18.60 11.32
N ARG A 437 8.84 18.36 11.27
CA ARG A 437 9.44 17.33 12.10
C ARG A 437 10.59 17.97 12.85
N GLN A 438 10.66 17.71 14.15
CA GLN A 438 11.74 18.20 14.99
C GLN A 438 12.86 17.15 14.96
N ARG A 439 13.52 17.07 13.80
CA ARG A 439 14.52 16.05 13.49
C ARG A 439 15.54 16.61 12.51
N TYR A 440 16.73 16.02 12.49
CA TYR A 440 17.82 16.53 11.66
C TYR A 440 17.83 15.97 10.24
N TRP A 441 17.74 14.65 10.10
CA TRP A 441 17.96 13.98 8.81
C TRP A 441 16.68 14.05 7.99
N GLY A 442 16.45 15.23 7.41
CA GLY A 442 15.29 15.50 6.59
C GLY A 442 15.48 16.79 5.82
N CYS A 443 14.55 17.02 4.90
CA CYS A 443 14.63 18.19 4.02
C CYS A 443 14.36 19.47 4.81
N PRO A 444 15.26 20.45 4.79
CA PRO A 444 14.99 21.72 5.51
C PRO A 444 13.74 22.42 4.98
N ILE A 445 13.00 23.05 5.90
CA ILE A 445 11.84 23.85 5.53
C ILE A 445 12.33 25.22 5.08
N PRO A 446 12.01 25.64 3.86
CA PRO A 446 12.62 26.86 3.28
C PRO A 446 11.91 28.13 3.72
N ILE A 447 11.99 28.42 5.02
CA ILE A 447 11.36 29.58 5.64
C ILE A 447 12.41 30.28 6.49
N VAL A 448 12.51 31.60 6.36
CA VAL A 448 13.39 32.40 7.20
C VAL A 448 12.54 33.29 8.10
N HIS A 449 12.80 33.22 9.41
CA HIS A 449 12.06 34.01 10.39
C HIS A 449 12.77 35.35 10.63
N CYS A 450 12.05 36.44 10.38
CA CYS A 450 12.57 37.79 10.56
C CYS A 450 11.63 38.58 11.45
N GLU A 451 12.17 39.21 12.49
CA GLU A 451 11.29 39.89 13.44
C GLU A 451 10.60 41.10 12.81
N LYS A 452 11.08 41.59 11.66
CA LYS A 452 10.40 42.66 10.94
C LYS A 452 9.48 42.14 9.83
N CYS A 453 9.88 41.08 9.12
CA CYS A 453 9.16 40.65 7.94
C CYS A 453 8.31 39.40 8.14
N GLY A 454 8.46 38.69 9.26
CA GLY A 454 7.65 37.52 9.57
C GLY A 454 8.24 36.21 9.08
N ASN A 455 7.37 35.22 8.85
CA ASN A 455 7.76 33.97 8.18
C ASN A 455 7.91 34.25 6.69
N VAL A 456 9.12 34.13 6.18
CA VAL A 456 9.47 34.56 4.83
C VAL A 456 9.93 33.34 4.05
N PRO A 457 9.39 33.07 2.87
CA PRO A 457 9.88 31.94 2.09
C PRO A 457 11.20 32.30 1.43
N VAL A 458 12.06 31.30 1.33
CA VAL A 458 13.33 31.52 0.63
C VAL A 458 13.04 31.71 -0.86
N PRO A 459 13.58 32.75 -1.51
CA PRO A 459 13.30 32.96 -2.94
C PRO A 459 13.83 31.80 -3.77
N ALA A 460 13.20 31.59 -4.94
CA ALA A 460 13.54 30.46 -5.79
C ALA A 460 15.00 30.50 -6.24
N ASP A 461 15.56 31.69 -6.43
CA ASP A 461 16.97 31.81 -6.80
C ASP A 461 17.90 31.28 -5.71
N GLN A 462 17.44 31.20 -4.46
CA GLN A 462 18.27 30.78 -3.35
C GLN A 462 18.11 29.31 -3.00
N LEU A 463 17.08 28.65 -3.53
CA LEU A 463 16.92 27.23 -3.25
C LEU A 463 17.99 26.43 -3.99
N PRO A 464 18.51 25.36 -3.39
CA PRO A 464 18.05 24.80 -2.10
C PRO A 464 18.60 25.46 -0.84
N VAL A 465 17.85 25.32 0.25
CA VAL A 465 18.41 25.40 1.61
C VAL A 465 19.10 24.07 1.89
N VAL A 466 20.43 24.08 1.91
CA VAL A 466 21.18 22.82 1.97
C VAL A 466 21.22 22.32 3.40
N LEU A 467 20.81 21.08 3.60
CA LEU A 467 21.06 20.42 4.89
C LEU A 467 22.56 20.16 5.00
N PRO A 468 23.23 20.67 6.03
CA PRO A 468 24.64 20.33 6.21
C PRO A 468 24.79 18.84 6.53
N GLU A 469 25.77 18.20 5.89
CA GLU A 469 25.88 16.75 5.98
C GLU A 469 26.89 16.26 7.01
N ASN A 470 27.79 17.12 7.50
CA ASN A 470 28.77 16.69 8.49
C ASN A 470 28.24 16.99 9.90
N VAL A 471 27.20 16.24 10.26
CA VAL A 471 26.57 16.30 11.57
C VAL A 471 26.43 14.87 12.07
N VAL A 472 26.65 14.67 13.36
CA VAL A 472 26.45 13.38 14.02
C VAL A 472 25.46 13.59 15.16
N PRO A 473 24.19 13.27 14.94
CA PRO A 473 23.14 13.61 15.91
C PRO A 473 23.42 13.20 17.35
N ASP A 474 23.24 14.19 18.23
CA ASP A 474 23.35 14.09 19.69
C ASP A 474 22.49 12.98 20.27
N GLY A 475 21.18 13.24 20.34
CA GLY A 475 20.34 12.57 21.29
C GLY A 475 19.54 13.58 22.10
N MET A 476 20.12 14.76 22.33
CA MET A 476 19.55 15.77 23.23
C MET A 476 18.84 16.89 22.47
N GLY A 477 18.10 16.58 21.41
CA GLY A 477 17.38 17.59 20.67
C GLY A 477 17.86 17.69 19.23
N SER A 478 17.08 18.34 18.38
CA SER A 478 17.42 18.40 16.96
C SER A 478 18.72 19.18 16.77
N PRO A 479 19.72 18.62 16.11
CA PRO A 479 21.00 19.33 15.96
C PRO A 479 20.88 20.67 15.28
N LEU A 480 19.98 20.79 14.30
CA LEU A 480 19.85 22.03 13.54
C LEU A 480 19.57 23.21 14.46
N ALA A 481 18.80 22.98 15.52
CA ALA A 481 18.51 24.08 16.44
C ALA A 481 19.72 24.43 17.30
N LYS A 482 20.73 23.57 17.39
CA LYS A 482 21.93 23.88 18.15
C LYS A 482 23.09 24.31 17.25
N MET A 483 22.81 24.67 16.00
CA MET A 483 23.84 25.05 15.03
C MET A 483 23.58 26.46 14.53
N PRO A 484 24.12 27.47 15.22
CA PRO A 484 24.04 28.84 14.68
C PRO A 484 24.68 28.98 13.31
N GLU A 485 25.68 28.16 12.99
CA GLU A 485 26.28 28.24 11.67
C GLU A 485 25.25 27.97 10.59
N PHE A 486 24.20 27.20 10.90
CA PHE A 486 23.15 26.91 9.95
C PHE A 486 22.01 27.91 10.02
N TYR A 487 21.48 28.20 11.23
CA TYR A 487 20.24 28.97 11.31
C TYR A 487 20.46 30.47 11.34
N GLU A 488 21.66 30.95 11.66
CA GLU A 488 21.92 32.38 11.62
C GLU A 488 22.11 32.81 10.17
N THR A 489 21.22 33.68 9.68
CA THR A 489 21.24 34.09 8.29
C THR A 489 20.67 35.51 8.20
N SER A 490 20.58 36.04 6.99
CA SER A 490 20.02 37.35 6.78
C SER A 490 18.67 37.23 6.07
N CYS A 491 17.77 38.17 6.36
CA CYS A 491 16.41 38.06 5.85
C CYS A 491 16.38 38.32 4.34
N PRO A 492 15.61 37.54 3.58
CA PRO A 492 15.58 37.73 2.12
C PRO A 492 14.82 38.98 1.66
N CYS A 493 13.91 39.50 2.47
CA CYS A 493 13.19 40.72 2.11
C CYS A 493 13.83 41.99 2.65
N CYS A 494 14.27 42.02 3.89
CA CYS A 494 14.82 43.28 4.36
C CYS A 494 16.34 43.27 4.49
N GLY A 495 16.99 42.11 4.40
CA GLY A 495 18.42 42.05 4.52
C GLY A 495 18.95 42.07 5.94
N GLY A 496 18.08 42.14 6.96
CA GLY A 496 18.52 42.17 8.33
C GLY A 496 18.77 40.77 8.91
N ALA A 497 19.10 40.76 10.20
CA ALA A 497 19.40 39.51 10.89
C ALA A 497 18.14 38.66 11.07
N ALA A 498 18.29 37.36 10.82
CA ALA A 498 17.14 36.47 10.79
C ALA A 498 17.61 35.05 11.07
N LYS A 499 16.64 34.15 11.27
CA LYS A 499 16.93 32.78 11.65
C LYS A 499 16.17 31.84 10.72
N ARG A 500 16.88 30.81 10.25
CA ARG A 500 16.23 29.77 9.46
C ARG A 500 15.34 28.91 10.35
N GLU A 501 14.21 28.49 9.80
CA GLU A 501 13.46 27.37 10.34
C GLU A 501 14.39 26.16 10.51
N THR A 502 14.31 25.51 11.67
CA THR A 502 15.19 24.38 11.97
C THR A 502 14.48 23.03 11.90
N ASP A 503 13.15 23.02 11.96
CA ASP A 503 12.40 21.79 11.72
C ASP A 503 12.58 21.37 10.26
N THR A 504 12.51 20.06 10.04
CA THR A 504 12.62 19.49 8.71
C THR A 504 11.25 18.93 8.29
N MET A 505 11.18 18.44 7.06
CA MET A 505 9.92 18.01 6.49
C MET A 505 9.64 16.54 6.79
N ASP A 506 8.35 16.25 7.01
CA ASP A 506 7.83 14.89 6.97
C ASP A 506 8.37 14.15 5.75
N THR A 507 9.05 13.01 5.96
CA THR A 507 9.67 12.30 4.84
C THR A 507 8.66 11.64 3.92
N PHE A 508 7.37 11.63 4.29
CA PHE A 508 6.32 11.28 3.35
C PHE A 508 6.29 12.23 2.15
N ILE A 509 6.81 13.45 2.28
CA ILE A 509 6.80 14.38 1.16
C ILE A 509 7.68 13.87 0.01
N GLU A 510 8.87 13.34 0.31
CA GLU A 510 9.77 12.87 -0.76
C GLU A 510 9.12 11.77 -1.59
N SER A 511 8.39 10.86 -0.95
CA SER A 511 7.74 9.78 -1.68
C SER A 511 6.39 10.18 -2.28
N SER A 512 5.98 11.45 -2.15
CA SER A 512 4.72 11.87 -2.75
C SER A 512 4.87 12.42 -4.16
N TRP A 513 6.11 12.58 -4.66
CA TRP A 513 6.31 13.05 -6.04
C TRP A 513 7.46 12.37 -6.78
N TYR A 514 8.16 11.41 -6.17
CA TYR A 514 9.35 10.85 -6.81
C TYR A 514 9.01 10.17 -8.13
N PHE A 515 7.78 9.67 -8.28
CA PHE A 515 7.41 9.01 -9.53
C PHE A 515 7.41 9.99 -10.69
N PHE A 516 7.16 11.28 -10.41
CA PHE A 516 7.31 12.29 -11.45
C PHE A 516 8.79 12.63 -11.70
N ARG A 517 9.60 12.67 -10.64
CA ARG A 517 11.00 13.04 -10.83
C ARG A 517 11.73 12.02 -11.70
N TYR A 518 11.37 10.73 -11.60
CA TYR A 518 11.95 9.70 -12.46
C TYR A 518 11.81 10.05 -13.94
N MET A 519 10.80 10.85 -14.29
CA MET A 519 10.59 11.22 -15.69
C MET A 519 11.69 12.15 -16.21
N SER A 520 12.27 13.00 -15.36
CA SER A 520 13.39 13.87 -15.76
C SER A 520 14.28 14.16 -14.56
N PRO A 521 15.03 13.17 -14.09
CA PRO A 521 15.72 13.31 -12.80
C PRO A 521 16.90 14.27 -12.82
N LYS A 522 17.45 14.62 -13.98
CA LYS A 522 18.53 15.59 -14.05
C LYS A 522 18.05 16.97 -14.50
N PHE A 523 16.73 17.19 -14.52
CA PHE A 523 16.18 18.46 -14.95
C PHE A 523 16.43 19.51 -13.87
N SER A 524 17.14 20.57 -14.23
CA SER A 524 17.56 21.58 -13.28
C SER A 524 16.64 22.80 -13.28
N ASP A 525 15.57 22.78 -14.06
CA ASP A 525 14.70 23.94 -14.21
C ASP A 525 13.33 23.76 -13.57
N GLY A 526 13.08 22.64 -12.92
CA GLY A 526 11.79 22.41 -12.30
C GLY A 526 11.68 20.99 -11.80
N MET A 527 10.56 20.73 -11.10
CA MET A 527 10.32 19.40 -10.53
C MET A 527 10.39 18.32 -11.60
N VAL A 528 9.80 18.58 -12.77
CA VAL A 528 9.74 17.63 -13.87
C VAL A 528 9.59 18.42 -15.16
N SER A 529 10.36 18.06 -16.19
CA SER A 529 10.31 18.76 -17.46
C SER A 529 8.98 18.53 -18.16
N ALA A 530 8.46 19.59 -18.79
CA ALA A 530 7.16 19.52 -19.44
C ALA A 530 7.11 18.41 -20.48
N GLU A 531 8.18 18.27 -21.29
CA GLU A 531 8.18 17.28 -22.36
C GLU A 531 8.15 15.85 -21.81
N SER A 532 8.87 15.60 -20.72
CA SER A 532 8.89 14.25 -20.16
C SER A 532 7.56 13.90 -19.50
N ALA A 533 6.98 14.82 -18.73
CA ALA A 533 5.70 14.53 -18.09
C ALA A 533 4.62 14.25 -19.14
N LYS A 534 4.63 14.98 -20.25
CA LYS A 534 3.63 14.74 -21.28
C LYS A 534 3.83 13.39 -21.95
N TYR A 535 5.07 12.93 -22.11
CA TYR A 535 5.28 11.62 -22.73
C TYR A 535 4.91 10.49 -21.79
N TRP A 536 5.46 10.50 -20.56
CA TRP A 536 5.26 9.37 -19.65
C TRP A 536 3.90 9.37 -18.98
N GLY A 537 3.26 10.54 -18.85
CA GLY A 537 1.90 10.63 -18.32
C GLY A 537 1.73 10.25 -16.86
N ALA A 538 1.29 9.02 -16.60
CA ALA A 538 1.07 8.53 -15.25
C ALA A 538 1.72 7.16 -15.12
N VAL A 539 1.84 6.68 -13.88
CA VAL A 539 2.34 5.33 -13.65
C VAL A 539 1.28 4.35 -14.14
N ASP A 540 1.66 3.50 -15.11
CA ASP A 540 0.75 2.47 -15.60
C ASP A 540 0.49 1.38 -14.55
N GLN A 541 1.56 0.95 -13.88
CA GLN A 541 1.47 -0.13 -12.90
C GLN A 541 2.34 0.20 -11.70
N TYR A 542 1.76 0.14 -10.50
CA TYR A 542 2.43 0.46 -9.24
C TYR A 542 2.37 -0.76 -8.34
N ILE A 543 3.51 -1.13 -7.74
CA ILE A 543 3.59 -2.32 -6.87
C ILE A 543 4.22 -1.94 -5.54
N GLY A 544 3.58 -2.34 -4.44
CA GLY A 544 4.13 -2.09 -3.13
C GLY A 544 3.32 -2.78 -2.06
N GLY A 545 3.78 -2.62 -0.81
CA GLY A 545 3.14 -3.28 0.31
C GLY A 545 1.84 -2.60 0.74
N ILE A 546 0.88 -3.43 1.14
CA ILE A 546 -0.44 -2.96 1.57
C ILE A 546 -0.37 -2.00 2.75
N GLU A 547 0.71 -2.02 3.52
CA GLU A 547 0.86 -1.07 4.62
C GLU A 547 0.90 0.38 4.16
N HIS A 548 1.06 0.64 2.86
CA HIS A 548 1.05 1.99 2.34
C HIS A 548 -0.28 2.38 1.72
N ALA A 549 -1.33 1.58 1.96
CA ALA A 549 -2.61 1.77 1.28
C ALA A 549 -3.29 3.10 1.64
N ILE A 550 -3.05 3.64 2.82
CA ILE A 550 -3.78 4.83 3.24
C ILE A 550 -2.94 6.10 3.07
N LEU A 551 -1.93 6.28 3.93
CA LEU A 551 -1.22 7.57 3.98
C LEU A 551 -0.45 7.86 2.69
N HIS A 552 0.54 7.02 2.39
CA HIS A 552 1.41 7.27 1.24
C HIS A 552 0.61 7.43 -0.05
N LEU A 553 -0.35 6.53 -0.28
CA LEU A 553 -1.15 6.63 -1.50
C LEU A 553 -1.97 7.91 -1.52
N LEU A 554 -2.56 8.28 -0.38
CA LEU A 554 -3.36 9.49 -0.33
C LEU A 554 -2.48 10.73 -0.52
N TYR A 555 -1.28 10.72 0.06
CA TYR A 555 -0.38 11.86 -0.09
C TYR A 555 0.07 12.00 -1.55
N ALA A 556 0.36 10.88 -2.20
CA ALA A 556 0.82 10.93 -3.59
C ALA A 556 -0.29 11.45 -4.50
N ARG A 557 -1.51 10.98 -4.31
CA ARG A 557 -2.63 11.50 -5.08
C ARG A 557 -2.80 13.00 -4.84
N PHE A 558 -2.63 13.43 -3.59
CA PHE A 558 -2.74 14.83 -3.23
C PHE A 558 -1.67 15.65 -3.93
N PHE A 559 -0.42 15.21 -3.87
CA PHE A 559 0.68 15.94 -4.52
C PHE A 559 0.48 16.02 -6.03
N THR A 560 -0.04 14.94 -6.64
CA THR A 560 -0.31 14.97 -8.06
C THR A 560 -1.28 16.09 -8.41
N LYS A 561 -2.36 16.20 -7.64
CA LYS A 561 -3.36 17.23 -7.91
C LYS A 561 -2.79 18.63 -7.64
N LEU A 562 -1.94 18.75 -6.63
CA LEU A 562 -1.22 20.01 -6.41
C LEU A 562 -0.35 20.35 -7.60
N MET A 563 0.45 19.38 -8.07
CA MET A 563 1.38 19.66 -9.16
C MET A 563 0.61 19.95 -10.45
N ARG A 564 -0.48 19.22 -10.69
CA ARG A 564 -1.32 19.51 -11.84
C ARG A 564 -1.81 20.95 -11.80
N ASP A 565 -2.36 21.36 -10.65
CA ASP A 565 -2.87 22.71 -10.49
C ASP A 565 -1.76 23.76 -10.55
N GLU A 566 -0.51 23.38 -10.26
CA GLU A 566 0.59 24.32 -10.52
C GLU A 566 0.90 24.42 -12.01
N GLY A 567 0.39 23.49 -12.82
CA GLY A 567 0.71 23.47 -14.24
C GLY A 567 1.90 22.60 -14.60
N LEU A 568 2.34 21.73 -13.70
CA LEU A 568 3.51 20.90 -13.95
C LEU A 568 3.18 19.58 -14.63
N VAL A 569 2.02 18.99 -14.37
CA VAL A 569 1.67 17.69 -14.92
C VAL A 569 0.25 17.77 -15.48
N ASN A 570 -0.09 16.77 -16.27
CA ASN A 570 -1.32 16.73 -17.07
C ASN A 570 -2.26 15.63 -16.62
N VAL A 571 -2.11 15.12 -15.41
CA VAL A 571 -2.88 13.97 -14.97
C VAL A 571 -3.56 14.30 -13.64
N ASP A 572 -4.68 13.61 -13.39
CA ASP A 572 -5.42 13.74 -12.13
C ASP A 572 -4.99 12.72 -11.09
N GLU A 573 -4.47 11.57 -11.53
CA GLU A 573 -4.12 10.47 -10.66
C GLU A 573 -2.77 9.91 -11.07
N PRO A 574 -1.93 9.57 -10.11
CA PRO A 574 -0.57 9.10 -10.44
C PRO A 574 -0.46 7.63 -10.82
N PHE A 575 -1.35 6.76 -10.31
CA PHE A 575 -1.19 5.31 -10.38
C PHE A 575 -2.44 4.69 -10.98
N GLU A 576 -2.32 4.16 -12.20
CA GLU A 576 -3.46 3.54 -12.87
C GLU A 576 -3.79 2.17 -12.28
N ARG A 577 -2.88 1.22 -12.38
CA ARG A 577 -3.04 -0.08 -11.75
C ARG A 577 -2.25 -0.14 -10.45
N LEU A 578 -2.85 -0.74 -9.43
CA LEU A 578 -2.20 -0.92 -8.14
C LEU A 578 -2.24 -2.39 -7.75
N LEU A 579 -1.06 -2.96 -7.47
CA LEU A 579 -0.90 -4.32 -7.02
C LEU A 579 -0.26 -4.25 -5.64
N THR A 580 -0.94 -4.76 -4.63
CA THR A 580 -0.42 -4.72 -3.27
C THR A 580 0.14 -6.09 -2.90
N GLN A 581 1.33 -6.08 -2.31
CA GLN A 581 2.04 -7.30 -1.96
C GLN A 581 1.84 -7.60 -0.49
N GLY A 582 1.72 -8.89 -0.17
CA GLY A 582 1.65 -9.31 1.21
C GLY A 582 3.00 -9.21 1.89
N MET A 583 3.07 -9.78 3.08
CA MET A 583 4.30 -9.80 3.85
C MET A 583 5.00 -11.16 3.69
N VAL A 584 6.24 -11.21 4.17
CA VAL A 584 7.00 -12.45 4.24
C VAL A 584 7.10 -12.87 5.69
N VAL A 585 6.84 -14.16 5.95
CA VAL A 585 6.86 -14.69 7.29
C VAL A 585 7.87 -15.83 7.36
N CYS A 586 8.31 -16.13 8.57
CA CYS A 586 9.29 -17.19 8.75
C CYS A 586 9.18 -17.72 10.17
N GLU A 587 9.48 -19.01 10.31
CA GLU A 587 9.55 -19.64 11.62
C GLU A 587 10.59 -18.93 12.50
N THR A 588 10.39 -19.02 13.82
CA THR A 588 11.25 -18.37 14.80
C THR A 588 11.90 -19.42 15.69
N TYR A 589 13.09 -19.12 16.19
CA TYR A 589 13.84 -20.04 17.03
C TYR A 589 14.56 -19.26 18.13
N TYR A 590 14.57 -19.81 19.34
CA TYR A 590 15.26 -19.17 20.44
C TYR A 590 16.00 -20.25 21.25
N ARG A 591 16.54 -19.79 22.39
CA ARG A 591 17.09 -20.65 23.44
C ARG A 591 17.10 -19.81 24.69
N GLU A 592 16.61 -20.37 25.80
CA GLU A 592 16.47 -19.60 27.03
C GLU A 592 17.84 -19.30 27.63
N ASN A 593 17.97 -18.11 28.21
CA ASN A 593 19.21 -17.65 28.83
C ASN A 593 18.90 -17.05 30.19
N ASP A 594 19.77 -17.33 31.17
CA ASP A 594 19.61 -16.98 32.59
C ASP A 594 18.15 -17.04 33.06
N LYS A 598 15.24 -15.20 26.72
CA LYS A 598 15.25 -15.70 25.35
C LYS A 598 16.20 -14.92 24.46
N ASP A 599 16.96 -15.64 23.63
CA ASP A 599 17.83 -15.04 22.62
C ASP A 599 17.47 -15.64 21.27
N TRP A 600 16.72 -14.88 20.47
CA TRP A 600 16.17 -15.40 19.22
C TRP A 600 17.28 -15.60 18.19
N ILE A 601 17.26 -16.76 17.53
CA ILE A 601 18.32 -17.16 16.61
C ILE A 601 17.82 -17.05 15.18
N ASN A 602 18.67 -16.53 14.31
CA ASN A 602 18.33 -16.37 12.91
C ASN A 602 18.21 -17.75 12.24
N PRO A 603 17.23 -17.94 11.36
CA PRO A 603 17.02 -19.25 10.75
C PRO A 603 18.23 -19.80 9.99
N ALA A 604 18.94 -18.96 9.24
CA ALA A 604 20.09 -19.46 8.46
C ALA A 604 21.20 -20.02 9.34
N ASP A 605 21.11 -19.83 10.66
CA ASP A 605 22.09 -20.35 11.62
C ASP A 605 21.64 -21.66 12.26
N VAL A 606 20.47 -22.17 11.90
CA VAL A 606 19.89 -23.34 12.55
C VAL A 606 19.83 -24.49 11.56
N GLU A 607 19.86 -25.71 12.08
CA GLU A 607 19.73 -26.93 11.29
C GLU A 607 18.66 -27.81 11.90
N LEU A 608 17.90 -28.47 11.04
CA LEU A 608 16.73 -29.25 11.46
C LEU A 608 17.01 -30.74 11.32
N THR A 609 16.48 -31.51 12.26
CA THR A 609 16.51 -32.97 12.18
C THR A 609 15.36 -33.45 11.29
N PHE A 610 15.19 -34.77 11.18
CA PHE A 610 14.16 -35.33 10.31
C PHE A 610 13.83 -36.75 10.76
N ASP A 611 13.06 -37.45 9.93
CA ASP A 611 12.74 -38.86 10.16
C ASP A 611 12.79 -39.63 8.85
N ASP A 612 11.72 -39.58 8.07
CA ASP A 612 11.68 -40.23 6.76
C ASP A 612 10.57 -39.64 5.89
N PRO A 616 10.29 -34.88 11.29
CA PRO A 616 11.32 -33.99 11.83
C PRO A 616 11.28 -33.90 13.36
N VAL A 617 12.35 -34.36 14.03
CA VAL A 617 12.37 -34.45 15.49
C VAL A 617 12.39 -33.05 16.10
N SER A 618 13.50 -32.32 15.92
CA SER A 618 13.60 -30.96 16.45
C SER A 618 14.63 -30.20 15.62
N ALA A 619 15.16 -29.11 16.18
CA ALA A 619 16.15 -28.29 15.50
C ALA A 619 17.38 -28.12 16.38
N VAL A 620 18.48 -27.70 15.75
CA VAL A 620 19.76 -27.54 16.43
C VAL A 620 20.56 -26.43 15.76
N LEU A 621 21.48 -25.82 16.53
CA LEU A 621 22.31 -24.74 16.02
C LEU A 621 23.46 -25.28 15.18
N LYS A 622 23.70 -24.65 14.03
CA LYS A 622 24.71 -25.15 13.09
C LYS A 622 26.11 -25.08 13.68
N ALA A 623 26.43 -24.00 14.40
CA ALA A 623 27.79 -23.81 14.90
C ALA A 623 28.21 -24.93 15.85
N ASP A 624 27.27 -25.43 16.65
CA ASP A 624 27.53 -26.56 17.53
C ASP A 624 26.51 -27.67 17.26
N GLY A 625 25.88 -28.16 18.32
CA GLY A 625 24.85 -29.17 18.19
C GLY A 625 23.81 -29.09 19.28
N LEU A 626 23.90 -28.06 20.12
CA LEU A 626 22.90 -27.86 21.16
C LEU A 626 21.53 -27.66 20.52
N PRO A 627 20.48 -28.30 21.04
CA PRO A 627 19.15 -28.16 20.44
C PRO A 627 18.62 -26.75 20.55
N VAL A 628 17.66 -26.42 19.69
CA VAL A 628 17.03 -25.10 19.63
C VAL A 628 15.53 -25.27 19.83
N VAL A 629 14.87 -24.15 20.16
CA VAL A 629 13.44 -24.12 20.43
C VAL A 629 12.72 -23.59 19.19
N ILE A 630 11.99 -24.47 18.50
CA ILE A 630 11.19 -24.07 17.35
C ILE A 630 9.92 -23.42 17.86
N SER A 631 9.66 -22.19 17.42
CA SER A 631 8.49 -21.43 17.85
C SER A 631 7.65 -20.96 16.67
N GLY A 632 6.80 -19.97 16.88
CA GLY A 632 5.78 -19.66 15.91
C GLY A 632 6.31 -19.00 14.65
N THR A 633 5.49 -19.08 13.60
CA THR A 633 5.75 -18.41 12.34
C THR A 633 5.13 -17.03 12.38
N GLU A 634 5.90 -16.01 11.99
CA GLU A 634 5.37 -14.65 11.93
C GLU A 634 6.21 -13.85 10.93
N LYS A 635 5.78 -12.61 10.71
CA LYS A 635 6.47 -11.73 9.79
C LYS A 635 7.96 -11.63 10.13
N MET A 636 8.79 -11.55 9.09
CA MET A 636 10.22 -11.36 9.32
C MET A 636 10.47 -10.01 9.98
N SER A 637 11.37 -10.00 10.95
CA SER A 637 11.59 -8.82 11.78
C SER A 637 12.95 -8.91 12.44
N LYS A 638 13.47 -7.74 12.84
CA LYS A 638 14.57 -7.72 13.78
C LYS A 638 14.15 -8.23 15.15
N SER A 639 12.87 -8.09 15.49
CA SER A 639 12.41 -8.33 16.86
C SER A 639 12.58 -9.78 17.30
N LYS A 640 12.30 -10.74 16.40
CA LYS A 640 12.48 -12.15 16.72
C LYS A 640 13.60 -12.78 15.91
N ASN A 641 14.45 -11.98 15.26
CA ASN A 641 15.62 -12.46 14.53
C ASN A 641 15.25 -13.63 13.60
N ASN A 642 14.19 -13.42 12.81
CA ASN A 642 13.72 -14.46 11.88
C ASN A 642 13.72 -13.96 10.44
N GLY A 643 14.51 -12.92 10.16
CA GLY A 643 14.69 -12.45 8.80
C GLY A 643 15.78 -13.20 8.08
N VAL A 644 15.42 -13.89 7.01
CA VAL A 644 16.38 -14.64 6.21
C VAL A 644 17.05 -13.68 5.23
N ASP A 645 18.37 -13.51 5.37
CA ASP A 645 19.11 -12.63 4.50
C ASP A 645 18.98 -13.07 3.04
N PRO A 646 18.47 -12.23 2.14
CA PRO A 646 18.42 -12.63 0.72
C PRO A 646 19.81 -12.85 0.12
N GLN A 647 20.83 -12.15 0.62
CA GLN A 647 22.18 -12.34 0.09
C GLN A 647 22.63 -13.78 0.25
N GLU A 648 22.29 -14.42 1.36
CA GLU A 648 22.70 -15.80 1.55
C GLU A 648 21.95 -16.74 0.60
N LEU A 649 20.71 -16.41 0.25
CA LEU A 649 19.97 -17.17 -0.76
C LEU A 649 20.64 -17.06 -2.14
N ILE A 650 20.98 -15.84 -2.54
CA ILE A 650 21.69 -15.62 -3.79
C ILE A 650 23.06 -16.31 -3.78
N ASN A 651 23.79 -16.19 -2.67
CA ASN A 651 25.11 -16.83 -2.59
C ASN A 651 25.02 -18.36 -2.74
N ALA A 652 23.92 -18.94 -2.28
CA ALA A 652 23.80 -20.39 -2.24
C ALA A 652 23.18 -20.99 -3.49
N TYR A 653 22.36 -20.21 -4.21
CA TYR A 653 21.58 -20.76 -5.33
C TYR A 653 21.53 -19.88 -6.57
N GLY A 654 21.87 -18.60 -6.48
CA GLY A 654 21.78 -17.71 -7.63
C GLY A 654 20.50 -16.89 -7.64
N ALA A 655 20.52 -15.83 -8.45
CA ALA A 655 19.40 -14.88 -8.50
C ALA A 655 18.13 -15.55 -9.02
N ASP A 656 18.25 -16.35 -10.08
CA ASP A 656 17.06 -16.92 -10.69
C ASP A 656 16.30 -17.81 -9.71
N THR A 657 17.01 -18.61 -8.92
CA THR A 657 16.34 -19.43 -7.91
C THR A 657 15.60 -18.56 -6.90
N ALA A 658 16.25 -17.49 -6.43
CA ALA A 658 15.58 -16.58 -5.51
C ALA A 658 14.29 -16.04 -6.14
N ARG A 659 14.37 -15.57 -7.39
CA ARG A 659 13.19 -15.00 -8.03
C ARG A 659 12.11 -16.06 -8.23
N LEU A 660 12.50 -17.23 -8.71
CA LEU A 660 11.52 -18.29 -8.94
C LEU A 660 10.79 -18.63 -7.66
N PHE A 661 11.53 -18.80 -6.55
CA PHE A 661 10.90 -19.16 -5.28
C PHE A 661 9.86 -18.14 -4.87
N MET A 662 10.19 -16.85 -4.94
CA MET A 662 9.25 -15.83 -4.48
C MET A 662 8.00 -15.76 -5.35
N MET A 663 8.15 -15.94 -6.67
CA MET A 663 6.99 -15.88 -7.54
C MET A 663 6.14 -17.14 -7.42
N PHE A 664 6.76 -18.28 -7.14
CA PHE A 664 6.03 -19.55 -7.13
C PHE A 664 5.38 -19.84 -5.78
N ALA A 665 6.01 -19.44 -4.68
CA ALA A 665 5.57 -19.86 -3.34
C ALA A 665 4.21 -19.27 -2.94
N ALA A 666 3.82 -18.11 -3.46
CA ALA A 666 2.56 -17.49 -3.09
C ALA A 666 2.18 -16.37 -4.06
N PRO A 667 0.89 -16.18 -4.35
CA PRO A 667 0.48 -15.00 -5.13
C PRO A 667 0.83 -13.73 -4.40
N PRO A 668 1.00 -12.61 -5.12
CA PRO A 668 1.53 -11.39 -4.47
C PRO A 668 0.76 -10.93 -3.24
N GLU A 669 -0.57 -11.01 -3.27
CA GLU A 669 -1.35 -10.52 -2.14
C GLU A 669 -1.17 -11.38 -0.90
N GLN A 670 -0.82 -12.65 -1.09
CA GLN A 670 -0.75 -13.60 0.01
C GLN A 670 0.56 -13.48 0.76
N SER A 671 0.50 -13.75 2.07
CA SER A 671 1.70 -13.92 2.86
C SER A 671 2.55 -15.06 2.29
N LEU A 672 3.86 -14.81 2.13
CA LEU A 672 4.80 -15.82 1.64
C LEU A 672 5.55 -16.41 2.82
N GLU A 673 5.60 -17.74 2.88
CA GLU A 673 6.21 -18.46 3.98
C GLU A 673 7.59 -18.95 3.55
N TRP A 674 8.63 -18.55 4.29
CA TRP A 674 9.97 -19.04 4.00
C TRP A 674 10.02 -20.55 4.15
N SER A 675 10.60 -21.23 3.16
CA SER A 675 10.66 -22.69 3.19
C SER A 675 11.94 -23.15 2.52
N ASP A 676 12.78 -23.90 3.24
CA ASP A 676 14.01 -24.44 2.67
C ASP A 676 13.70 -25.36 1.49
N SER A 677 12.80 -26.32 1.71
CA SER A 677 12.44 -27.27 0.65
C SER A 677 11.86 -26.55 -0.56
N GLY A 678 11.05 -25.51 -0.32
CA GLY A 678 10.55 -24.72 -1.43
C GLY A 678 11.65 -24.12 -2.26
N VAL A 679 12.69 -23.59 -1.62
CA VAL A 679 13.82 -23.03 -2.36
C VAL A 679 14.55 -24.14 -3.11
N GLU A 680 14.72 -25.30 -2.47
CA GLU A 680 15.30 -26.46 -3.16
C GLU A 680 14.46 -26.83 -4.38
N GLY A 681 13.13 -26.86 -4.22
CA GLY A 681 12.27 -27.16 -5.36
C GLY A 681 12.46 -26.21 -6.53
N ALA A 682 12.55 -24.91 -6.24
CA ALA A 682 12.76 -23.93 -7.30
C ALA A 682 14.10 -24.16 -8.00
N HIS A 683 15.15 -24.40 -7.22
CA HIS A 683 16.44 -24.68 -7.83
C HIS A 683 16.38 -25.95 -8.68
N ARG A 684 15.70 -26.98 -8.19
CA ARG A 684 15.65 -28.25 -8.93
C ARG A 684 14.90 -28.08 -10.25
N PHE A 685 13.90 -27.20 -10.28
CA PHE A 685 13.22 -26.92 -11.53
C PHE A 685 14.16 -26.27 -12.55
N LEU A 686 15.01 -25.35 -12.09
CA LEU A 686 15.93 -24.72 -13.03
C LEU A 686 16.96 -25.72 -13.56
N ARG A 687 17.39 -26.67 -12.73
CA ARG A 687 18.24 -27.75 -13.23
C ARG A 687 17.51 -28.57 -14.28
N ARG A 688 16.22 -28.85 -14.05
CA ARG A 688 15.44 -29.63 -15.01
C ARG A 688 15.29 -28.86 -16.33
N LEU A 689 14.88 -27.59 -16.24
CA LEU A 689 14.83 -26.73 -17.42
C LEU A 689 16.15 -26.79 -18.19
N TRP A 690 17.27 -26.64 -17.48
CA TRP A 690 18.58 -26.72 -18.11
C TRP A 690 18.82 -28.09 -18.74
N ARG A 691 18.44 -29.15 -18.02
CA ARG A 691 18.66 -30.51 -18.52
C ARG A 691 17.82 -30.78 -19.75
N THR A 692 16.60 -30.25 -19.80
CA THR A 692 15.71 -30.49 -20.93
C THR A 692 16.29 -29.92 -22.21
N VAL A 693 16.76 -28.66 -22.16
CA VAL A 693 17.32 -28.04 -23.35
C VAL A 693 18.63 -28.74 -23.75
N TYR A 694 19.50 -29.03 -22.78
CA TYR A 694 20.78 -29.68 -23.08
C TYR A 694 20.56 -31.03 -23.76
N GLU A 695 19.74 -31.90 -23.14
CA GLU A 695 19.45 -33.19 -23.73
C GLU A 695 18.85 -33.05 -25.12
N TYR A 696 17.99 -32.04 -25.31
CA TYR A 696 17.39 -31.81 -26.61
C TYR A 696 18.45 -31.49 -27.65
N LEU A 697 19.38 -30.57 -27.34
CA LEU A 697 20.43 -30.20 -28.28
C LEU A 697 21.49 -31.29 -28.40
N LYS A 698 21.66 -32.10 -27.36
CA LYS A 698 22.61 -33.20 -27.45
C LYS A 698 22.19 -34.23 -28.49
N GLN A 699 20.89 -34.34 -28.76
CA GLN A 699 20.41 -35.40 -29.63
C GLN A 699 20.27 -34.97 -31.09
N GLY A 700 20.82 -33.82 -31.48
CA GLY A 700 20.77 -33.45 -32.88
C GLY A 700 20.91 -31.96 -33.20
N GLY A 701 20.88 -31.10 -32.19
CA GLY A 701 21.04 -29.68 -32.41
C GLY A 701 19.74 -28.98 -32.80
N ALA A 702 19.83 -27.66 -32.88
CA ALA A 702 18.65 -26.85 -33.09
C ALA A 702 18.16 -26.97 -34.54
N VAL A 703 16.85 -26.86 -34.72
CA VAL A 703 16.21 -26.81 -36.02
C VAL A 703 15.24 -25.64 -36.03
N LYS A 704 14.75 -25.31 -37.23
CA LYS A 704 13.71 -24.29 -37.35
C LYS A 704 12.46 -24.74 -36.62
N ALA A 705 11.93 -23.89 -35.74
CA ALA A 705 10.75 -24.23 -34.96
C ALA A 705 9.56 -24.51 -35.86
N PHE A 706 8.68 -25.42 -35.41
CA PHE A 706 7.49 -25.72 -36.19
C PHE A 706 6.58 -24.50 -36.27
N ALA A 707 6.01 -24.27 -37.45
CA ALA A 707 5.11 -23.14 -37.64
C ALA A 707 4.18 -23.43 -38.81
N GLY A 708 2.94 -22.93 -38.69
CA GLY A 708 2.01 -22.98 -39.79
C GLY A 708 1.03 -24.13 -39.75
N ASN A 709 0.62 -24.59 -40.93
CA ASN A 709 -0.37 -25.64 -41.04
C ASN A 709 0.11 -26.92 -40.38
N GLN A 710 -0.71 -27.48 -39.49
CA GLN A 710 -0.31 -28.67 -38.75
C GLN A 710 -1.04 -29.93 -39.20
N ASP A 711 -1.82 -29.86 -40.29
CA ASP A 711 -2.41 -31.06 -40.85
C ASP A 711 -1.33 -32.04 -41.29
N GLY A 712 -1.55 -33.32 -41.00
CA GLY A 712 -0.54 -34.32 -41.26
C GLY A 712 0.47 -34.51 -40.15
N LEU A 713 0.42 -33.70 -39.10
CA LEU A 713 1.16 -34.00 -37.88
C LEU A 713 0.47 -35.11 -37.13
N SER A 714 1.26 -35.93 -36.46
CA SER A 714 0.66 -37.03 -35.70
C SER A 714 -0.19 -36.48 -34.57
N LYS A 715 -1.12 -37.33 -34.10
CA LYS A 715 -2.00 -36.95 -33.00
C LYS A 715 -1.22 -36.53 -31.76
N GLU A 716 -0.15 -37.28 -31.43
CA GLU A 716 0.67 -36.93 -30.27
C GLU A 716 1.26 -35.53 -30.38
N LEU A 717 1.77 -35.18 -31.56
CA LEU A 717 2.40 -33.87 -31.73
C LEU A 717 1.37 -32.75 -31.88
N LYS A 718 0.21 -33.04 -32.49
CA LYS A 718 -0.88 -32.09 -32.42
C LYS A 718 -1.29 -31.82 -30.98
N ASP A 719 -1.33 -32.87 -30.16
CA ASP A 719 -1.69 -32.72 -28.75
C ASP A 719 -0.68 -31.85 -27.99
N LEU A 720 0.60 -32.00 -28.32
CA LEU A 720 1.63 -31.21 -27.65
C LEU A 720 1.60 -29.75 -28.10
N ARG A 721 1.20 -29.51 -29.35
CA ARG A 721 1.02 -28.13 -29.81
C ARG A 721 -0.21 -27.50 -29.17
N HIS A 722 -1.27 -28.28 -28.98
CA HIS A 722 -2.44 -27.76 -28.28
C HIS A 722 -2.07 -27.37 -26.86
N LYS A 723 -1.31 -28.23 -26.17
CA LYS A 723 -0.89 -27.89 -24.82
C LYS A 723 0.00 -26.66 -24.81
N LEU A 724 0.88 -26.53 -25.81
CA LEU A 724 1.79 -25.39 -25.88
C LEU A 724 1.03 -24.08 -26.03
N HIS A 725 0.15 -23.99 -27.02
CA HIS A 725 -0.50 -22.72 -27.30
C HIS A 725 -1.58 -22.41 -26.28
N SER A 726 -2.17 -23.42 -25.66
CA SER A 726 -3.01 -23.17 -24.51
C SER A 726 -2.18 -22.70 -23.31
N THR A 727 -0.92 -23.16 -23.20
CA THR A 727 -0.07 -22.66 -22.12
C THR A 727 0.33 -21.21 -22.37
N THR A 728 0.64 -20.87 -23.62
CA THR A 728 0.95 -19.47 -23.95
C THR A 728 -0.22 -18.56 -23.62
N ALA A 729 -1.45 -18.98 -23.90
CA ALA A 729 -2.60 -18.14 -23.59
C ALA A 729 -2.83 -18.03 -22.07
N LYS A 730 -2.63 -19.13 -21.33
CA LYS A 730 -2.75 -19.09 -19.87
C LYS A 730 -1.71 -18.14 -19.25
N VAL A 731 -0.44 -18.35 -19.58
CA VAL A 731 0.63 -17.52 -19.02
C VAL A 731 0.40 -16.04 -19.36
N SER A 732 -0.04 -15.77 -20.61
CA SER A 732 -0.32 -14.39 -21.01
C SER A 732 -1.42 -13.78 -20.16
N ASP A 733 -2.46 -14.55 -19.86
CA ASP A 733 -3.53 -14.02 -19.02
C ASP A 733 -3.10 -13.90 -17.57
N ASP A 734 -2.13 -14.73 -17.14
CA ASP A 734 -1.63 -14.68 -15.77
C ASP A 734 -0.76 -13.46 -15.56
N TYR A 735 0.10 -13.14 -16.52
CA TYR A 735 0.93 -11.94 -16.41
C TYR A 735 0.11 -10.68 -16.65
N GLY A 736 -0.74 -10.70 -17.68
CA GLY A 736 -1.45 -9.50 -18.09
C GLY A 736 -2.66 -9.15 -17.23
N ARG A 737 -3.53 -10.12 -16.96
CA ARG A 737 -4.79 -9.85 -16.28
C ARG A 737 -4.73 -10.24 -14.80
N ARG A 738 -4.46 -11.50 -14.50
CA ARG A 738 -4.67 -12.01 -13.14
C ARG A 738 -3.55 -11.59 -12.20
N GLN A 739 -2.37 -11.29 -12.73
CA GLN A 739 -1.17 -11.00 -11.94
C GLN A 739 -1.00 -12.02 -10.83
N GLN A 740 -1.26 -13.27 -11.20
CA GLN A 740 -0.97 -14.46 -10.40
C GLN A 740 0.12 -15.20 -11.15
N PHE A 741 1.32 -15.24 -10.58
CA PHE A 741 2.47 -15.79 -11.29
C PHE A 741 2.76 -17.24 -10.94
N ASN A 742 2.34 -17.71 -9.76
CA ASN A 742 2.52 -19.10 -9.39
C ASN A 742 1.82 -20.03 -10.39
N THR A 743 0.58 -19.71 -10.76
CA THR A 743 -0.16 -20.54 -11.71
C THR A 743 0.41 -20.49 -13.12
N ALA A 744 1.16 -19.42 -13.45
CA ALA A 744 1.84 -19.38 -14.74
C ALA A 744 3.04 -20.31 -14.76
N ILE A 745 3.79 -20.36 -13.64
CA ILE A 745 4.87 -21.34 -13.52
C ILE A 745 4.33 -22.76 -13.56
N ALA A 746 3.22 -23.00 -12.85
CA ALA A 746 2.59 -24.32 -12.86
C ALA A 746 2.20 -24.71 -14.28
N ALA A 747 1.70 -23.77 -15.06
CA ALA A 747 1.28 -24.06 -16.43
C ALA A 747 2.47 -24.45 -17.30
N VAL A 748 3.59 -23.70 -17.19
CA VAL A 748 4.78 -24.08 -17.95
C VAL A 748 5.33 -25.42 -17.46
N MET A 749 5.16 -25.72 -16.18
CA MET A 749 5.53 -27.03 -15.66
C MET A 749 4.71 -28.13 -16.31
N GLU A 750 3.42 -27.91 -16.49
CA GLU A 750 2.58 -28.95 -17.12
C GLU A 750 2.96 -29.15 -18.57
N LEU A 751 3.25 -28.06 -19.29
CA LEU A 751 3.69 -28.18 -20.67
C LEU A 751 4.93 -29.07 -20.77
N LEU A 752 5.92 -28.84 -19.90
CA LEU A 752 7.15 -29.63 -19.95
C LEU A 752 6.88 -31.09 -19.59
N ASN A 753 5.94 -31.33 -18.67
CA ASN A 753 5.58 -32.70 -18.34
C ASN A 753 5.02 -33.42 -19.56
N GLN A 754 4.11 -32.77 -20.28
CA GLN A 754 3.57 -33.38 -21.51
C GLN A 754 4.67 -33.59 -22.54
N TYR A 755 5.56 -32.59 -22.70
CA TYR A 755 6.70 -32.74 -23.59
C TYR A 755 7.53 -33.96 -23.20
N ASP A 756 7.67 -34.18 -21.89
CA ASP A 756 8.48 -35.30 -21.40
C ASP A 756 7.88 -36.64 -21.83
N LYS A 757 6.57 -36.74 -21.89
CA LYS A 757 5.92 -37.98 -22.29
C LYS A 757 5.63 -38.03 -23.78
N THR A 758 6.19 -37.13 -24.58
CA THR A 758 5.95 -37.15 -26.02
C THR A 758 7.23 -37.54 -26.76
N ASP A 759 7.11 -38.51 -27.64
CA ASP A 759 8.20 -38.93 -28.54
C ASP A 759 8.42 -37.80 -29.56
N THR A 760 9.50 -37.04 -29.39
CA THR A 760 9.84 -35.94 -30.28
C THR A 760 11.05 -36.26 -31.15
N GLY A 761 11.34 -37.56 -31.35
CA GLY A 761 12.51 -37.95 -32.10
C GLY A 761 12.39 -37.84 -33.61
N SER A 762 11.17 -37.76 -34.16
CA SER A 762 11.04 -37.67 -35.60
C SER A 762 11.45 -36.28 -36.09
N GLU A 763 11.52 -36.16 -37.42
CA GLU A 763 11.81 -34.86 -38.02
C GLU A 763 10.78 -33.83 -37.60
N GLN A 764 9.49 -34.15 -37.78
CA GLN A 764 8.44 -33.25 -37.30
C GLN A 764 8.45 -33.14 -35.79
N GLY A 765 8.82 -34.22 -35.09
CA GLY A 765 8.90 -34.16 -33.64
C GLY A 765 9.91 -33.15 -33.15
N ARG A 766 11.09 -33.11 -33.78
CA ARG A 766 12.09 -32.12 -33.39
C ARG A 766 11.58 -30.70 -33.63
N ALA A 767 10.94 -30.47 -34.78
CA ALA A 767 10.39 -29.15 -35.08
C ALA A 767 9.40 -28.68 -34.01
N VAL A 768 8.54 -29.59 -33.55
CA VAL A 768 7.58 -29.25 -32.49
C VAL A 768 8.31 -29.07 -31.16
N ALA A 769 9.31 -29.91 -30.90
CA ALA A 769 10.12 -29.75 -29.69
C ALA A 769 10.81 -28.38 -29.67
N GLN A 770 11.42 -28.00 -30.79
CA GLN A 770 12.01 -26.66 -30.89
C GLN A 770 10.97 -25.59 -30.58
N GLU A 771 9.77 -25.73 -31.15
CA GLU A 771 8.70 -24.77 -30.87
C GLU A 771 8.37 -24.75 -29.39
N VAL A 772 8.30 -25.92 -28.76
CA VAL A 772 7.94 -26.00 -27.35
C VAL A 772 8.97 -25.27 -26.50
N LEU A 773 10.25 -25.52 -26.76
CA LEU A 773 11.30 -25.02 -25.89
C LEU A 773 11.53 -23.53 -26.10
N GLU A 774 11.46 -23.06 -27.35
CA GLU A 774 11.58 -21.63 -27.61
C GLU A 774 10.44 -20.85 -26.96
N ALA A 775 9.26 -21.46 -26.81
CA ALA A 775 8.19 -20.78 -26.10
C ALA A 775 8.41 -20.80 -24.59
N ALA A 776 8.75 -21.97 -24.03
CA ALA A 776 8.88 -22.08 -22.58
C ALA A 776 9.91 -21.09 -22.04
N VAL A 777 11.08 -20.99 -22.68
CA VAL A 777 12.12 -20.09 -22.17
C VAL A 777 11.69 -18.63 -22.28
N ARG A 778 10.85 -18.30 -23.25
CA ARG A 778 10.36 -16.93 -23.33
C ARG A 778 9.20 -16.70 -22.36
N LEU A 779 8.35 -17.71 -22.16
CA LEU A 779 7.26 -17.59 -21.19
C LEU A 779 7.80 -17.37 -19.78
N LEU A 780 8.96 -17.95 -19.46
CA LEU A 780 9.57 -17.86 -18.14
C LEU A 780 10.59 -16.74 -18.01
N TRP A 781 11.02 -16.14 -19.12
CA TRP A 781 12.05 -15.11 -19.07
C TRP A 781 11.71 -13.93 -18.15
N PRO A 782 10.47 -13.41 -18.11
CA PRO A 782 10.17 -12.38 -17.09
C PRO A 782 10.46 -12.81 -15.66
N ILE A 783 10.39 -14.11 -15.38
CA ILE A 783 10.58 -14.60 -14.01
C ILE A 783 12.05 -14.94 -13.75
N VAL A 784 12.67 -15.70 -14.65
CA VAL A 784 14.03 -16.18 -14.45
C VAL A 784 14.84 -15.80 -15.69
N PRO A 785 15.13 -14.51 -15.90
CA PRO A 785 15.67 -14.09 -17.19
C PRO A 785 17.08 -14.57 -17.48
N HIS A 786 17.90 -14.83 -16.45
CA HIS A 786 19.28 -15.22 -16.72
C HIS A 786 19.36 -16.58 -17.40
N ILE A 787 18.76 -17.60 -16.78
CA ILE A 787 18.83 -18.94 -17.38
C ILE A 787 18.07 -18.99 -18.70
N CYS A 788 16.95 -18.24 -18.82
CA CYS A 788 16.22 -18.23 -20.09
C CYS A 788 17.00 -17.55 -21.19
N GLU A 789 17.66 -16.43 -20.87
CA GLU A 789 18.52 -15.74 -21.83
C GLU A 789 19.58 -16.68 -22.40
N THR A 790 20.26 -17.42 -21.52
CA THR A 790 21.35 -18.28 -21.97
C THR A 790 20.81 -19.49 -22.74
N LEU A 791 19.70 -20.07 -22.27
CA LEU A 791 19.10 -21.19 -23.00
C LEU A 791 18.57 -20.73 -24.36
N TRP A 792 17.99 -19.53 -24.43
CA TRP A 792 17.49 -19.03 -25.71
C TRP A 792 18.62 -18.88 -26.72
N SER A 793 19.79 -18.42 -26.28
CA SER A 793 20.91 -18.25 -27.18
C SER A 793 21.48 -19.57 -27.67
N GLU A 794 21.17 -20.69 -27.01
CA GLU A 794 21.57 -22.01 -27.49
C GLU A 794 20.57 -22.61 -28.47
N LEU A 795 19.31 -22.16 -28.42
CA LEU A 795 18.25 -22.63 -29.31
C LEU A 795 18.08 -21.79 -30.55
N ASN A 796 18.56 -20.55 -30.54
CA ASN A 796 18.15 -19.58 -31.55
C ASN A 796 19.16 -18.44 -31.52
N GLY A 797 19.48 -17.92 -32.71
CA GLY A 797 20.46 -16.85 -32.79
C GLY A 797 19.91 -15.45 -32.71
N ALA A 798 18.59 -15.31 -32.90
CA ALA A 798 17.96 -14.00 -32.83
C ALA A 798 17.97 -13.49 -31.39
N LYS A 799 17.91 -12.17 -31.25
CA LYS A 799 17.88 -11.58 -29.92
C LYS A 799 16.51 -11.80 -29.29
N LEU A 800 16.50 -12.38 -28.07
CA LEU A 800 15.25 -12.84 -27.46
C LEU A 800 14.21 -11.73 -27.40
N TRP A 801 14.61 -10.55 -26.89
CA TRP A 801 13.67 -9.44 -26.78
C TRP A 801 13.18 -8.98 -28.14
N GLU A 802 13.91 -9.26 -29.22
CA GLU A 802 13.42 -8.96 -30.55
C GLU A 802 12.54 -10.06 -31.12
N ALA A 803 12.66 -11.29 -30.61
CA ALA A 803 11.73 -12.36 -30.99
C ALA A 803 10.35 -12.13 -30.40
N GLY A 804 10.29 -11.53 -29.21
CA GLY A 804 9.05 -11.06 -28.65
C GLY A 804 8.28 -12.13 -27.90
N TRP A 805 7.16 -11.68 -27.35
CA TRP A 805 6.31 -12.57 -26.58
C TRP A 805 5.75 -13.67 -27.48
N PRO A 806 5.69 -14.92 -27.01
CA PRO A 806 5.12 -15.98 -27.84
C PRO A 806 3.69 -15.67 -28.24
N THR A 807 3.35 -15.98 -29.49
CA THR A 807 2.00 -15.80 -30.00
C THR A 807 1.17 -17.05 -29.77
N VAL A 808 -0.14 -16.86 -29.67
CA VAL A 808 -1.08 -17.95 -29.60
C VAL A 808 -1.48 -18.32 -31.02
N ASP A 809 -1.21 -19.57 -31.40
CA ASP A 809 -1.59 -20.11 -32.70
C ASP A 809 -2.94 -20.78 -32.52
N GLU A 810 -4.01 -20.08 -32.93
CA GLU A 810 -5.37 -20.56 -32.68
C GLU A 810 -5.68 -21.81 -33.49
N ALA A 811 -5.03 -21.99 -34.64
CA ALA A 811 -5.21 -23.22 -35.42
C ALA A 811 -4.84 -24.46 -34.61
N ALA A 812 -3.89 -24.32 -33.69
CA ALA A 812 -3.49 -25.42 -32.82
C ALA A 812 -4.52 -25.72 -31.74
N LEU A 813 -5.47 -24.82 -31.50
CA LEU A 813 -6.47 -25.02 -30.47
C LEU A 813 -7.80 -25.52 -31.02
N VAL A 814 -7.89 -25.72 -32.33
CA VAL A 814 -9.11 -26.24 -32.95
C VAL A 814 -9.00 -27.75 -33.02
N LYS A 815 -9.89 -28.45 -32.32
CA LYS A 815 -9.91 -29.90 -32.31
C LYS A 815 -10.47 -30.45 -33.62
N SER A 816 -10.11 -31.70 -33.93
CA SER A 816 -10.36 -32.24 -35.26
C SER A 816 -11.83 -32.64 -35.43
N GLU A 817 -12.26 -32.67 -36.68
CA GLU A 817 -13.65 -32.90 -37.02
C GLU A 817 -13.75 -34.09 -37.96
N ILE A 818 -14.76 -34.92 -37.76
CA ILE A 818 -15.07 -35.99 -38.70
C ILE A 818 -16.57 -36.27 -38.68
N GLU A 819 -17.22 -36.00 -39.81
CA GLU A 819 -18.67 -36.09 -39.94
C GLU A 819 -19.05 -37.37 -40.68
N VAL A 820 -19.83 -38.23 -40.01
CA VAL A 820 -20.33 -39.46 -40.60
C VAL A 820 -21.85 -39.47 -40.42
N MET A 821 -22.53 -40.13 -41.36
CA MET A 821 -23.97 -40.28 -41.27
C MET A 821 -24.33 -41.48 -40.42
N VAL A 822 -25.54 -41.44 -39.84
CA VAL A 822 -26.05 -42.49 -38.97
C VAL A 822 -27.46 -42.85 -39.45
N GLN A 823 -27.64 -44.09 -39.91
CA GLN A 823 -28.91 -44.52 -40.48
C GLN A 823 -29.50 -45.67 -39.68
N VAL A 824 -30.83 -45.80 -39.74
CA VAL A 824 -31.56 -46.86 -39.06
C VAL A 824 -32.20 -47.74 -40.12
N ASN A 825 -31.72 -48.99 -40.22
CA ASN A 825 -32.17 -49.93 -41.24
C ASN A 825 -31.91 -49.41 -42.65
N GLY A 826 -30.72 -48.84 -42.86
CA GLY A 826 -30.26 -48.45 -44.17
C GLY A 826 -30.72 -47.10 -44.67
N LYS A 827 -31.49 -46.35 -43.88
CA LYS A 827 -32.01 -45.05 -44.29
C LYS A 827 -31.64 -44.01 -43.23
N LEU A 828 -31.07 -42.90 -43.69
CA LEU A 828 -30.65 -41.82 -42.79
C LEU A 828 -31.84 -41.25 -42.01
N ALA A 841 -17.26 -48.77 -32.23
CA ALA A 841 -16.70 -48.44 -30.93
C ALA A 841 -16.78 -46.94 -30.65
N ASP A 842 -15.91 -46.17 -31.30
CA ASP A 842 -15.89 -44.72 -31.09
C ASP A 842 -17.17 -44.07 -31.62
N LEU A 843 -17.50 -44.33 -32.89
CA LEU A 843 -18.69 -43.75 -33.49
C LEU A 843 -19.97 -44.49 -33.10
N GLU A 844 -19.86 -45.70 -32.57
CA GLU A 844 -21.04 -46.44 -32.13
C GLU A 844 -21.63 -45.86 -30.85
N ALA A 845 -20.77 -45.47 -29.91
CA ALA A 845 -21.25 -44.90 -28.66
C ALA A 845 -21.85 -43.52 -28.87
N ALA A 846 -21.41 -42.79 -29.89
CA ALA A 846 -21.95 -41.46 -30.16
C ALA A 846 -23.22 -41.54 -31.01
N ALA A 847 -23.26 -42.45 -31.99
CA ALA A 847 -24.47 -42.63 -32.78
C ALA A 847 -25.61 -43.22 -31.97
N LEU A 848 -25.29 -44.06 -30.98
CA LEU A 848 -26.30 -44.51 -30.02
C LEU A 848 -26.73 -43.38 -29.10
N ALA A 849 -25.95 -42.31 -29.01
CA ALA A 849 -26.34 -41.09 -28.31
C ALA A 849 -27.15 -40.14 -29.18
N ASN A 850 -27.43 -40.53 -30.42
CA ASN A 850 -28.22 -39.70 -31.33
C ASN A 850 -29.71 -39.94 -31.15
N ILE A 865 -25.39 -53.40 -35.79
CA ILE A 865 -24.63 -52.16 -35.91
C ILE A 865 -23.26 -52.42 -36.53
N ILE A 866 -23.14 -52.14 -37.83
CA ILE A 866 -21.88 -52.22 -38.55
C ILE A 866 -21.38 -50.80 -38.80
N VAL A 867 -20.07 -50.61 -38.72
CA VAL A 867 -19.46 -49.29 -38.83
C VAL A 867 -18.37 -49.36 -39.90
N VAL A 868 -18.57 -48.65 -41.00
CA VAL A 868 -17.54 -48.48 -42.02
C VAL A 868 -16.66 -47.32 -41.56
N PRO A 869 -15.35 -47.54 -41.35
CA PRO A 869 -14.54 -46.57 -40.58
C PRO A 869 -14.62 -45.12 -41.07
N GLY A 870 -15.03 -44.23 -40.16
CA GLY A 870 -14.97 -42.79 -40.39
C GLY A 870 -16.01 -42.21 -41.33
N ARG A 871 -16.77 -43.04 -42.04
CA ARG A 871 -17.70 -42.55 -43.06
C ARG A 871 -19.16 -42.76 -42.72
N LEU A 872 -19.53 -43.88 -42.10
CA LEU A 872 -20.93 -44.24 -41.98
C LEU A 872 -21.09 -45.30 -40.89
N VAL A 873 -22.22 -45.25 -40.21
CA VAL A 873 -22.64 -46.30 -39.27
C VAL A 873 -24.11 -46.58 -39.52
N ASN A 874 -24.50 -47.85 -39.38
CA ASN A 874 -25.87 -48.31 -39.64
C ASN A 874 -26.36 -49.07 -38.42
N ILE A 875 -27.34 -48.51 -37.72
CA ILE A 875 -27.91 -49.17 -36.53
C ILE A 875 -28.83 -50.28 -36.99
N VAL A 876 -28.27 -51.48 -37.19
CA VAL A 876 -29.01 -52.63 -37.69
C VAL A 876 -29.92 -53.18 -36.61
N VAL A 877 -31.16 -52.68 -36.57
CA VAL A 877 -32.18 -53.16 -35.64
C VAL A 877 -33.54 -52.84 -36.22
C1 OW5 B . 9.20 -3.78 0.36
C2 OW5 B . 7.75 -3.67 0.82
C3 OW5 B . 7.39 -2.19 0.99
C4 OW5 B . 7.68 -1.38 -0.27
C5 OW5 B . 9.07 -1.70 -0.81
C6 OW5 B . 10.21 -0.92 -0.17
C7 OW5 B . 7.57 -4.44 2.13
C8 OW5 B . 6.28 -5.24 2.23
C9 OW5 B . 6.04 -5.86 3.60
N OW5 B . 10.38 3.83 1.06
CA OW5 B . 9.04 3.36 1.42
C OW5 B . 9.21 1.94 1.96
O OW5 B . 8.33 1.30 2.54
CB OW5 B . 8.06 3.39 0.26
CG OW5 B . 7.57 4.80 -0.06
CD1 OW5 B . 6.56 5.29 0.99
CD2 OW5 B . 6.96 4.86 -1.46
C13 OW5 B . 8.96 -7.48 4.91
C14 OW5 B . 8.22 -6.34 4.77
C15 OW5 B . 10.22 -7.71 5.64
C16 OW5 B . 11.09 -8.73 5.24
C17 OW5 B . 12.26 -8.95 5.94
C18 OW5 B . 12.60 -8.17 7.04
C19 OW5 B . 11.74 -7.15 7.42
C20 OW5 B . 10.57 -6.92 6.73
C21 OW5 B . 13.85 -8.47 7.85
C22 OW5 B . 14.84 -7.31 7.91
C23 OW5 B . 16.25 -7.74 8.30
C24 OW5 B . 17.27 -6.62 8.21
C25 OW5 B . 18.70 -7.09 8.35
N10 OW5 B . 7.15 -6.70 4.03
N11 OW5 B . 7.21 -8.01 3.71
N12 OW5 B . 8.30 -8.49 4.25
N3S OW5 B . 10.49 1.34 1.78
O1S OW5 B . 12.32 -0.24 1.92
O2S OW5 B . 10.46 -0.48 3.54
O3 OW5 B . 6.00 -2.08 1.29
O4 OW5 B . 6.70 -1.65 -1.26
O5 OW5 B . 9.42 -3.09 -0.88
O6 OW5 B . 10.16 -1.11 1.28
S OW5 B . 10.94 -0.12 2.25
C1 EDO C . -3.29 14.31 7.02
O1 EDO C . -2.19 13.66 7.68
C2 EDO C . -4.19 13.28 6.35
O2 EDO C . -4.61 12.31 7.32
C1 EDO D . -9.39 9.85 9.83
O1 EDO D . -8.65 10.65 8.91
C2 EDO D . -9.02 10.22 11.26
O2 EDO D . -9.51 11.54 11.57
ZN ZN E . 13.26 41.05 7.07
MG MG F . -11.57 4.51 -17.26
#